data_9FJE
#
_entry.id   9FJE
#
loop_
_entity.id
_entity.type
_entity.pdbx_description
1 polymer 'Capsid protein VP1'
2 polymer 'Capsid protein VP2'
3 polymer 'Capsid protein VP3'
#
loop_
_entity_poly.entity_id
_entity_poly.type
_entity_poly.pdbx_seq_one_letter_code
_entity_poly.pdbx_strand_id
1 'polypeptide(L)'
;SRSESSIENFLCRAACVYYATYTNNSEKGYAEWVINTRQVAQLRRKLELFTYLRFDLELTFVITSAQQPSTATSVDAPVQ
THQIMYVPPGGPVPTKVTDYAWQTSTNPSVFWTEGNAPPRMSIPFISIGNAYSCFYDGWTQFSRNGVYGINTLNNMGTLY
MRHVNEAGQGPIKSTVRIYFKPKHVKAWVPRPPRLCQYEKQKNVNFTPTGVTTTRVGITT
;
1
2 'polypeptide(L)'
;RVRSITLGNSTITTQECANVVVGYGVWPEYLKDNEATAEDQPTQPDVATCRFYTLESVQWMKNSAGWWWKLPDALSQMGL
FGQNMQYHYLGRTGYTIHVQCNASKFHQGCLLVVCVPEAEMGCSNLNNTPEFAELSGGDTARMFTDTQIGETNSKKVQTA
VWNAGMGVGVGNLTIYPHQWINLRTNNSATIVMPYINSVPMDNMFRHNNLTLMIIPFVPLNYSEGSSPYVPITVTIAPMC
AEYNGLRLA
;
2
3 'polypeptide(L)'
;GLPVMTTPGSTQFLTSDDFQSPSAMPQFDVTPEMQIPGRVNNLMEIAEVDSVVPVNNTEANVNSLKAYQIPVQSNSDNGK
QVFGFPLQPGANGVLNRTLLGEILNYYTHWSGSIKLTFMFCGSAMATGKFLLAYSPPGAGVPKNRKDAMLGTHVIWDVGL
QSSCVLCVPWISQTHYRYVVEDEYTAAGYITCWYQTNIVVPADVQSSCDILCFVSACNDFSVRMLKDTPFIR
;
3
#
# COMPACT_ATOMS: atom_id res chain seq x y z
N SER A 1 -9.24 -21.08 -11.87
CA SER A 1 -9.75 -20.03 -10.95
C SER A 1 -8.59 -19.43 -10.13
N ARG A 2 -8.90 -18.59 -9.16
CA ARG A 2 -7.83 -17.90 -8.39
C ARG A 2 -8.09 -18.08 -6.89
N SER A 3 -8.57 -19.26 -6.50
CA SER A 3 -8.92 -19.40 -5.09
C SER A 3 -7.74 -19.11 -4.18
N GLU A 4 -6.52 -19.39 -4.63
CA GLU A 4 -5.35 -19.21 -3.76
C GLU A 4 -4.93 -17.75 -3.60
N SER A 5 -5.52 -16.83 -4.37
CA SER A 5 -5.20 -15.42 -4.24
C SER A 5 -6.22 -14.65 -3.42
N SER A 6 -7.17 -15.35 -2.79
CA SER A 6 -8.12 -14.68 -1.92
C SER A 6 -7.42 -14.19 -0.66
N ILE A 7 -8.09 -13.28 0.06
CA ILE A 7 -7.50 -12.71 1.26
C ILE A 7 -7.27 -13.79 2.31
N GLU A 8 -8.22 -14.70 2.47
CA GLU A 8 -8.09 -15.76 3.46
C GLU A 8 -6.92 -16.67 3.13
N ASN A 9 -6.80 -17.10 1.88
CA ASN A 9 -5.68 -17.96 1.51
C ASN A 9 -4.36 -17.20 1.47
N PHE A 10 -4.40 -15.87 1.39
CA PHE A 10 -3.17 -15.09 1.36
C PHE A 10 -2.62 -14.84 2.75
N LEU A 11 -3.50 -14.63 3.74
CA LEU A 11 -3.05 -14.27 5.08
C LEU A 11 -3.16 -15.39 6.10
N CYS A 12 -4.04 -16.37 5.90
CA CYS A 12 -4.26 -17.44 6.86
C CYS A 12 -3.13 -18.47 6.80
N ARG A 13 -1.93 -18.09 7.20
CA ARG A 13 -0.80 -19.00 7.27
C ARG A 13 -0.10 -18.82 8.60
N ALA A 14 0.23 -19.95 9.21
CA ALA A 14 0.94 -19.88 10.50
C ALA A 14 2.37 -19.40 10.23
N ALA A 15 2.91 -18.65 11.17
CA ALA A 15 4.29 -18.20 11.05
C ALA A 15 4.88 -18.01 12.43
N CYS A 16 6.16 -18.34 12.57
CA CYS A 16 6.88 -18.11 13.83
C CYS A 16 7.20 -16.62 13.94
N VAL A 17 6.59 -15.95 14.90
CA VAL A 17 6.74 -14.51 15.02
C VAL A 17 7.72 -14.16 16.13
N TYR A 18 7.78 -14.99 17.18
CA TYR A 18 8.61 -14.66 18.32
C TYR A 18 9.29 -15.92 18.84
N TYR A 19 10.48 -15.73 19.41
CA TYR A 19 11.30 -16.80 19.94
C TYR A 19 12.02 -16.28 21.17
N ALA A 20 11.95 -17.01 22.27
CA ALA A 20 12.56 -16.57 23.52
C ALA A 20 12.92 -17.77 24.37
N THR A 21 13.76 -17.52 25.38
CA THR A 21 14.20 -18.54 26.31
C THR A 21 13.97 -18.06 27.74
N TYR A 22 13.80 -19.00 28.65
CA TYR A 22 13.69 -18.69 30.07
C TYR A 22 14.15 -19.89 30.88
N THR A 23 14.99 -19.63 31.87
CA THR A 23 15.46 -20.65 32.80
C THR A 23 14.61 -20.63 34.08
N ASN A 24 14.79 -21.64 34.91
CA ASN A 24 13.94 -21.83 36.08
C ASN A 24 14.65 -21.55 37.39
N ASN A 25 15.77 -20.82 37.37
CA ASN A 25 16.49 -20.52 38.60
C ASN A 25 17.01 -19.08 38.59
N SER A 26 16.18 -18.13 38.17
CA SER A 26 16.70 -16.78 37.98
C SER A 26 15.84 -15.70 38.63
N GLU A 27 14.57 -16.03 38.92
CA GLU A 27 13.58 -15.05 39.48
C GLU A 27 13.07 -14.22 38.30
N LYS A 28 13.88 -14.11 37.25
CA LYS A 28 13.49 -13.40 36.05
C LYS A 28 13.25 -14.35 34.89
N GLY A 29 13.23 -15.65 35.16
CA GLY A 29 13.08 -16.65 34.13
C GLY A 29 11.66 -16.75 33.59
N TYR A 30 11.26 -15.70 32.88
CA TYR A 30 9.93 -15.67 32.22
C TYR A 30 10.06 -14.94 30.90
N ALA A 31 9.32 -15.38 29.88
CA ALA A 31 9.36 -14.81 28.55
C ALA A 31 8.09 -14.01 28.31
N GLU A 32 8.24 -12.86 27.66
CA GLU A 32 7.12 -11.97 27.36
C GLU A 32 7.17 -11.54 25.91
N TRP A 33 5.99 -11.33 25.33
CA TRP A 33 5.89 -10.82 23.97
C TRP A 33 4.61 -10.02 23.86
N VAL A 34 4.73 -8.72 23.58
CA VAL A 34 3.56 -7.92 23.23
C VAL A 34 3.12 -8.33 21.82
N ILE A 35 1.87 -8.75 21.70
CA ILE A 35 1.34 -9.23 20.42
C ILE A 35 1.28 -8.08 19.43
N ASN A 36 2.10 -8.15 18.38
CA ASN A 36 2.10 -7.16 17.33
C ASN A 36 2.48 -7.83 16.02
N THR A 37 1.94 -7.32 14.92
CA THR A 37 2.17 -7.89 13.60
C THR A 37 3.37 -7.28 12.89
N ARG A 38 4.08 -6.36 13.53
CA ARG A 38 5.24 -5.71 12.93
C ARG A 38 6.55 -6.40 13.30
N GLN A 39 6.49 -7.52 14.01
CA GLN A 39 7.71 -8.21 14.42
C GLN A 39 8.44 -8.81 13.23
N VAL A 40 7.70 -9.40 12.28
CA VAL A 40 8.28 -10.10 11.15
C VAL A 40 8.03 -9.27 9.90
N ALA A 41 9.10 -8.97 9.16
CA ALA A 41 8.98 -8.12 7.98
C ALA A 41 8.10 -8.76 6.91
N GLN A 42 8.22 -10.07 6.71
CA GLN A 42 7.43 -10.73 5.66
C GLN A 42 5.94 -10.65 5.97
N LEU A 43 5.56 -10.89 7.23
CA LEU A 43 4.15 -10.78 7.59
C LEU A 43 3.69 -9.33 7.62
N ARG A 44 4.57 -8.42 8.07
CA ARG A 44 4.23 -7.01 8.07
C ARG A 44 3.93 -6.50 6.67
N ARG A 45 4.76 -6.87 5.70
CA ARG A 45 4.55 -6.42 4.32
C ARG A 45 3.25 -6.98 3.76
N LYS A 46 2.95 -8.24 4.05
CA LYS A 46 1.71 -8.83 3.54
C LYS A 46 0.49 -8.18 4.16
N LEU A 47 0.55 -7.83 5.44
CA LEU A 47 -0.58 -7.16 6.06
C LEU A 47 -0.70 -5.70 5.64
N GLU A 48 0.42 -5.06 5.28
CA GLU A 48 0.42 -3.65 4.91
C GLU A 48 0.03 -3.42 3.45
N LEU A 49 -0.39 -4.46 2.74
CA LEU A 49 -1.04 -4.26 1.46
C LEU A 49 -2.41 -3.63 1.61
N PHE A 50 -2.94 -3.56 2.83
CA PHE A 50 -4.25 -3.01 3.11
C PHE A 50 -4.14 -2.01 4.25
N THR A 51 -5.17 -1.20 4.40
CA THR A 51 -5.20 -0.16 5.43
C THR A 51 -5.88 -0.63 6.71
N TYR A 52 -7.03 -1.28 6.59
CA TYR A 52 -7.81 -1.75 7.73
C TYR A 52 -7.97 -3.25 7.65
N LEU A 53 -7.79 -3.93 8.77
CA LEU A 53 -7.89 -5.38 8.82
C LEU A 53 -8.70 -5.80 10.03
N ARG A 54 -9.39 -6.93 9.87
CA ARG A 54 -10.17 -7.53 10.94
C ARG A 54 -9.95 -9.04 10.90
N PHE A 55 -9.43 -9.60 11.99
CA PHE A 55 -9.13 -11.02 11.99
C PHE A 55 -9.13 -11.54 13.42
N ASP A 56 -9.26 -12.85 13.55
CA ASP A 56 -9.06 -13.56 14.80
C ASP A 56 -7.63 -14.04 14.89
N LEU A 57 -7.23 -14.43 16.10
CA LEU A 57 -5.87 -14.88 16.37
C LEU A 57 -5.88 -16.34 16.77
N GLU A 58 -5.03 -17.14 16.14
CA GLU A 58 -4.76 -18.51 16.57
C GLU A 58 -3.28 -18.62 16.89
N LEU A 59 -2.97 -19.00 18.13
CA LEU A 59 -1.59 -19.09 18.60
C LEU A 59 -1.26 -20.53 18.94
N THR A 60 -0.14 -21.02 18.43
CA THR A 60 0.39 -22.34 18.77
C THR A 60 1.80 -22.16 19.32
N PHE A 61 2.08 -22.82 20.44
CA PHE A 61 3.33 -22.65 21.15
C PHE A 61 4.14 -23.94 21.08
N VAL A 62 5.37 -23.84 20.61
CA VAL A 62 6.28 -24.97 20.52
C VAL A 62 7.34 -24.75 21.60
N ILE A 63 7.23 -25.50 22.69
CA ILE A 63 8.11 -25.34 23.84
C ILE A 63 9.02 -26.56 23.94
N THR A 64 10.32 -26.32 24.05
CA THR A 64 11.29 -27.38 24.23
C THR A 64 12.26 -26.97 25.34
N SER A 65 12.83 -27.96 26.01
CA SER A 65 13.70 -27.72 27.15
C SER A 65 15.05 -28.39 26.91
N ALA A 66 16.06 -27.89 27.62
CA ALA A 66 17.40 -28.43 27.53
C ALA A 66 18.03 -28.41 28.92
N GLN A 67 18.73 -29.49 29.25
CA GLN A 67 19.37 -29.59 30.56
C GLN A 67 20.60 -28.69 30.63
N GLN A 68 20.69 -27.91 31.70
CA GLN A 68 21.81 -27.02 31.94
C GLN A 68 22.83 -27.70 32.85
N PRO A 69 24.09 -27.25 32.83
CA PRO A 69 25.11 -27.87 33.67
C PRO A 69 24.74 -27.81 35.15
N SER A 70 25.10 -28.86 35.88
CA SER A 70 24.84 -28.90 37.34
C SER A 70 26.00 -29.63 38.01
N THR A 71 26.02 -29.69 39.33
CA THR A 71 27.09 -30.42 40.06
C THR A 71 26.46 -31.59 40.83
N ALA A 72 25.14 -31.69 40.81
CA ALA A 72 24.45 -32.82 41.49
C ALA A 72 25.02 -34.13 41.01
N THR A 73 25.20 -35.09 41.92
CA THR A 73 25.72 -36.40 41.53
C THR A 73 24.78 -37.00 40.51
N SER A 74 23.48 -36.89 40.76
CA SER A 74 22.47 -37.51 39.87
C SER A 74 21.30 -36.54 39.69
N VAL A 75 20.87 -36.34 38.44
CA VAL A 75 19.71 -35.44 38.17
C VAL A 75 18.59 -36.30 37.59
N ASP A 76 17.40 -36.25 38.18
CA ASP A 76 16.25 -37.07 37.73
C ASP A 76 15.01 -36.19 37.73
N ALA A 77 15.05 -35.09 36.99
CA ALA A 77 13.95 -34.14 36.95
C ALA A 77 12.70 -34.79 36.36
N PRO A 78 11.54 -34.59 36.98
CA PRO A 78 10.28 -35.09 36.41
C PRO A 78 9.89 -34.30 35.18
N VAL A 79 8.74 -34.67 34.61
CA VAL A 79 8.23 -33.97 33.44
C VAL A 79 7.88 -32.54 33.82
N GLN A 80 8.18 -31.61 32.92
CA GLN A 80 8.04 -30.19 33.18
C GLN A 80 6.69 -29.69 32.68
N THR A 81 6.06 -28.84 33.48
CA THR A 81 4.81 -28.18 33.11
C THR A 81 5.05 -26.69 32.96
N HIS A 82 4.48 -26.12 31.91
CA HIS A 82 4.66 -24.71 31.58
C HIS A 82 3.33 -23.99 31.65
N GLN A 83 3.39 -22.71 32.02
CA GLN A 83 2.21 -21.85 32.07
C GLN A 83 2.35 -20.77 31.01
N ILE A 84 1.34 -20.63 30.16
CA ILE A 84 1.29 -19.58 29.16
C ILE A 84 0.08 -18.71 29.48
N MET A 85 0.33 -17.48 29.91
CA MET A 85 -0.73 -16.57 30.30
C MET A 85 -0.92 -15.50 29.23
N TYR A 86 -2.17 -15.29 28.83
CA TYR A 86 -2.53 -14.19 27.94
C TYR A 86 -3.10 -13.07 28.78
N VAL A 87 -2.50 -11.89 28.70
CA VAL A 87 -2.96 -10.71 29.44
C VAL A 87 -3.74 -9.83 28.48
N PRO A 88 -5.06 -9.70 28.63
CA PRO A 88 -5.80 -8.82 27.75
C PRO A 88 -5.36 -7.38 27.94
N PRO A 89 -5.58 -6.53 26.94
CA PRO A 89 -5.18 -5.11 27.07
C PRO A 89 -5.76 -4.46 28.32
N GLY A 90 -4.90 -3.88 29.14
CA GLY A 90 -5.29 -3.30 30.40
C GLY A 90 -5.19 -4.22 31.60
N GLY A 91 -4.83 -5.48 31.39
CA GLY A 91 -4.71 -6.42 32.48
C GLY A 91 -3.39 -6.30 33.22
N PRO A 92 -3.33 -6.86 34.42
CA PRO A 92 -2.08 -6.80 35.19
C PRO A 92 -0.97 -7.59 34.52
N VAL A 93 0.26 -7.13 34.73
CA VAL A 93 1.42 -7.70 34.05
C VAL A 93 2.44 -8.14 35.08
N PRO A 94 3.09 -9.29 34.89
CA PRO A 94 4.07 -9.75 35.88
C PRO A 94 5.41 -9.06 35.70
N THR A 95 6.19 -9.05 36.78
CA THR A 95 7.58 -8.63 36.75
C THR A 95 8.54 -9.66 37.32
N LYS A 96 8.03 -10.73 37.91
CA LYS A 96 8.85 -11.81 38.46
C LYS A 96 8.15 -13.13 38.19
N VAL A 97 8.87 -14.23 38.41
CA VAL A 97 8.24 -15.54 38.24
C VAL A 97 7.18 -15.75 39.31
N THR A 98 7.44 -15.17 40.47
CA THR A 98 6.50 -15.24 41.59
C THR A 98 5.84 -13.90 41.68
N ASP A 99 4.66 -13.78 41.09
CA ASP A 99 3.98 -12.50 41.05
C ASP A 99 2.48 -12.75 41.06
N TYR A 100 1.71 -11.81 41.59
CA TYR A 100 0.26 -12.05 41.68
C TYR A 100 -0.30 -12.16 40.28
N ALA A 101 0.25 -11.40 39.32
CA ALA A 101 -0.33 -11.37 37.99
C ALA A 101 -0.51 -12.78 37.41
N TRP A 102 0.36 -13.71 37.79
CA TRP A 102 0.26 -15.07 37.30
C TRP A 102 -1.02 -15.76 37.75
N GLN A 103 -1.66 -15.26 38.80
CA GLN A 103 -2.86 -15.89 39.35
C GLN A 103 -4.13 -15.10 39.09
N THR A 104 -4.08 -14.08 38.24
CA THR A 104 -5.27 -13.30 37.94
C THR A 104 -6.27 -14.15 37.17
N SER A 105 -7.50 -14.22 37.67
CA SER A 105 -8.49 -15.09 37.06
C SER A 105 -8.95 -14.58 35.70
N THR A 106 -8.89 -13.26 35.48
CA THR A 106 -9.30 -12.67 34.22
C THR A 106 -8.19 -12.70 33.18
N ASN A 107 -7.01 -13.19 33.53
CA ASN A 107 -5.93 -13.40 32.57
C ASN A 107 -5.92 -14.87 32.18
N PRO A 108 -6.56 -15.24 31.06
CA PRO A 108 -6.63 -16.66 30.70
C PRO A 108 -5.24 -17.25 30.53
N SER A 109 -5.06 -18.47 31.06
CA SER A 109 -3.77 -19.12 31.06
C SER A 109 -3.92 -20.58 30.66
N VAL A 110 -2.89 -21.11 30.03
CA VAL A 110 -2.85 -22.51 29.61
C VAL A 110 -1.73 -23.20 30.37
N PHE A 111 -2.07 -24.30 31.03
CA PHE A 111 -1.09 -25.14 31.72
C PHE A 111 -0.84 -26.38 30.87
N TRP A 112 0.39 -26.54 30.40
CA TRP A 112 0.74 -27.59 29.46
C TRP A 112 2.01 -28.28 29.94
N THR A 113 2.02 -29.60 29.85
CA THR A 113 3.15 -30.40 30.29
C THR A 113 3.84 -31.04 29.08
N GLU A 114 5.16 -31.15 29.16
CA GLU A 114 5.96 -31.58 28.02
C GLU A 114 5.64 -33.03 27.65
N GLY A 115 5.78 -33.32 26.35
CA GLY A 115 5.52 -34.64 25.82
C GLY A 115 4.21 -34.77 25.09
N ASN A 116 3.28 -33.84 25.28
CA ASN A 116 1.98 -33.88 24.64
C ASN A 116 1.98 -33.01 23.39
N ALA A 117 0.82 -32.92 22.76
CA ALA A 117 0.65 -32.02 21.64
C ALA A 117 0.85 -30.59 22.11
N PRO A 118 1.42 -29.71 21.29
CA PRO A 118 1.68 -28.33 21.72
C PRO A 118 0.39 -27.61 22.05
N PRO A 119 0.41 -26.72 23.04
CA PRO A 119 -0.82 -26.01 23.41
C PRO A 119 -1.22 -24.99 22.35
N ARG A 120 -2.51 -24.68 22.34
CA ARG A 120 -3.08 -23.77 21.33
C ARG A 120 -4.23 -22.99 21.95
N MET A 121 -4.23 -21.68 21.73
CA MET A 121 -5.30 -20.81 22.20
C MET A 121 -5.66 -19.83 21.10
N SER A 122 -6.91 -19.35 21.14
CA SER A 122 -7.43 -18.43 20.13
C SER A 122 -7.98 -17.19 20.81
N ILE A 123 -7.62 -16.02 20.29
CA ILE A 123 -8.09 -14.73 20.77
C ILE A 123 -8.91 -14.08 19.67
N PRO A 124 -10.10 -13.56 19.96
CA PRO A 124 -10.91 -12.92 18.94
C PRO A 124 -10.51 -11.46 18.71
N PHE A 125 -11.25 -10.80 17.84
CA PHE A 125 -11.06 -9.39 17.57
C PHE A 125 -11.43 -8.58 18.81
N ILE A 126 -10.42 -8.04 19.50
CA ILE A 126 -10.64 -7.41 20.84
C ILE A 126 -10.48 -5.89 20.84
N SER A 127 -10.69 -5.24 19.71
CA SER A 127 -10.52 -3.80 19.63
C SER A 127 -11.85 -3.10 19.86
N ILE A 128 -11.81 -1.96 20.55
CA ILE A 128 -13.01 -1.16 20.70
C ILE A 128 -13.43 -0.55 19.38
N GLY A 129 -12.50 -0.38 18.45
CA GLY A 129 -12.83 0.06 17.11
C GLY A 129 -13.40 -1.06 16.27
N ASN A 130 -13.79 -0.72 15.06
CA ASN A 130 -14.41 -1.69 14.16
C ASN A 130 -13.40 -2.47 13.32
N ALA A 131 -12.12 -2.07 13.34
CA ALA A 131 -11.09 -2.80 12.61
C ALA A 131 -9.73 -2.36 13.13
N TYR A 132 -8.74 -3.22 12.94
CA TYR A 132 -7.36 -2.84 13.18
C TYR A 132 -6.87 -1.93 12.06
N SER A 133 -5.94 -1.06 12.40
CA SER A 133 -5.36 -0.14 11.43
C SER A 133 -3.87 -0.41 11.31
N CYS A 134 -3.41 -0.69 10.09
CA CYS A 134 -1.99 -0.81 9.82
C CYS A 134 -1.33 0.53 9.56
N PHE A 135 -2.11 1.58 9.35
CA PHE A 135 -1.59 2.92 9.10
C PHE A 135 -2.49 3.93 9.77
N TYR A 136 -1.90 4.93 10.41
CA TYR A 136 -2.65 5.94 11.14
C TYR A 136 -1.98 7.28 10.91
N ASP A 137 -2.65 8.19 10.21
CA ASP A 137 -2.11 9.52 9.93
C ASP A 137 -2.67 10.51 10.94
N GLY A 138 -2.13 10.45 12.14
CA GLY A 138 -2.60 11.30 13.21
C GLY A 138 -1.82 11.06 14.49
N TRP A 139 -2.30 11.67 15.56
CA TRP A 139 -1.67 11.58 16.87
C TRP A 139 -2.64 10.98 17.87
N THR A 140 -2.10 10.35 18.90
CA THR A 140 -2.90 9.76 19.96
C THR A 140 -3.43 10.85 20.90
N VAL A 147 2.19 11.17 20.14
CA VAL A 147 3.11 10.46 19.25
C VAL A 147 2.39 10.20 17.94
N TYR A 148 3.09 10.45 16.83
CA TYR A 148 2.49 10.34 15.51
C TYR A 148 2.33 8.89 15.10
N GLY A 149 1.14 8.53 14.62
CA GLY A 149 0.89 7.23 14.04
C GLY A 149 1.02 6.03 14.96
N ILE A 150 0.43 6.11 16.16
CA ILE A 150 0.45 5.01 17.12
C ILE A 150 -0.88 4.25 17.12
N ASN A 151 -1.99 4.96 17.30
CA ASN A 151 -3.32 4.36 17.26
C ASN A 151 -3.46 3.25 18.31
N THR A 152 -3.48 3.61 19.59
CA THR A 152 -3.53 2.65 20.68
C THR A 152 -4.73 1.71 20.59
N LEU A 153 -5.65 1.91 19.65
CA LEU A 153 -6.76 0.99 19.44
C LEU A 153 -6.32 -0.33 18.82
N ASN A 154 -5.03 -0.50 18.53
CA ASN A 154 -4.53 -1.74 17.97
C ASN A 154 -3.90 -2.66 19.02
N ASN A 155 -4.05 -2.34 20.29
CA ASN A 155 -3.50 -3.20 21.34
C ASN A 155 -4.16 -4.57 21.29
N MET A 156 -3.34 -5.62 21.27
CA MET A 156 -3.84 -6.98 21.17
C MET A 156 -3.51 -7.84 22.38
N GLY A 157 -2.88 -7.28 23.40
CA GLY A 157 -2.55 -8.01 24.61
C GLY A 157 -1.10 -8.47 24.61
N THR A 158 -0.74 -9.14 25.70
CA THR A 158 0.61 -9.64 25.91
C THR A 158 0.57 -11.10 26.32
N LEU A 159 1.62 -11.83 25.97
CA LEU A 159 1.76 -13.23 26.33
C LEU A 159 2.93 -13.40 27.27
N TYR A 160 2.77 -14.26 28.27
CA TYR A 160 3.81 -14.53 29.25
C TYR A 160 3.95 -16.03 29.44
N MET A 161 5.19 -16.47 29.70
CA MET A 161 5.50 -17.89 29.78
C MET A 161 6.49 -18.11 30.92
N ARG A 162 6.26 -19.17 31.70
CA ARG A 162 7.13 -19.50 32.82
C ARG A 162 7.03 -20.97 33.15
N HIS A 163 8.05 -21.48 33.83
CA HIS A 163 8.01 -22.83 34.38
C HIS A 163 7.08 -22.89 35.58
N VAL A 164 6.27 -23.94 35.64
CA VAL A 164 5.43 -24.18 36.80
C VAL A 164 6.15 -24.97 37.86
N ASN A 165 6.91 -25.99 37.45
CA ASN A 165 7.66 -26.81 38.39
C ASN A 165 8.71 -25.97 39.11
N GLU A 166 8.95 -26.30 40.38
CA GLU A 166 10.07 -25.72 41.10
C GLU A 166 11.37 -26.27 40.56
N ALA A 167 12.44 -25.51 40.76
CA ALA A 167 13.76 -25.96 40.35
C ALA A 167 14.17 -27.19 41.13
N GLY A 168 14.73 -28.17 40.44
CA GLY A 168 15.18 -29.39 41.07
C GLY A 168 16.64 -29.34 41.44
N GLN A 169 17.39 -30.40 41.11
CA GLN A 169 18.82 -30.46 41.38
C GLN A 169 19.65 -29.91 40.24
N GLY A 170 19.03 -29.48 39.15
CA GLY A 170 19.74 -28.88 38.05
C GLY A 170 18.86 -27.91 37.29
N PRO A 171 19.46 -26.85 36.77
CA PRO A 171 18.68 -25.87 36.02
C PRO A 171 18.16 -26.43 34.71
N ILE A 172 17.00 -25.94 34.30
CA ILE A 172 16.38 -26.30 33.04
C ILE A 172 16.11 -25.01 32.26
N LYS A 173 16.63 -24.93 31.04
CA LYS A 173 16.38 -23.80 30.16
C LYS A 173 15.41 -24.22 29.07
N SER A 174 14.33 -23.46 28.92
CA SER A 174 13.29 -23.74 27.94
C SER A 174 13.20 -22.62 26.93
N THR A 175 12.88 -22.97 25.69
CA THR A 175 12.67 -22.01 24.63
C THR A 175 11.29 -22.19 24.04
N VAL A 176 10.61 -21.08 23.75
CA VAL A 176 9.24 -21.10 23.26
C VAL A 176 9.20 -20.43 21.90
N ARG A 177 8.54 -21.08 20.95
CA ARG A 177 8.33 -20.55 19.61
C ARG A 177 6.84 -20.28 19.44
N ILE A 178 6.49 -19.03 19.20
CA ILE A 178 5.09 -18.62 19.08
C ILE A 178 4.72 -18.62 17.61
N TYR A 179 3.64 -19.33 17.28
CA TYR A 179 3.15 -19.39 15.91
C TYR A 179 1.86 -18.59 15.80
N PHE A 180 1.79 -17.73 14.78
CA PHE A 180 0.78 -16.70 14.66
C PHE A 180 0.00 -16.96 13.38
N LYS A 181 -1.32 -16.98 13.49
CA LYS A 181 -2.15 -17.24 12.32
C LYS A 181 -3.42 -16.41 12.34
N PRO A 182 -3.56 -15.42 11.47
CA PRO A 182 -4.84 -14.71 11.36
C PRO A 182 -5.91 -15.61 10.79
N LYS A 183 -7.12 -15.52 11.35
CA LYS A 183 -8.25 -16.33 10.91
C LYS A 183 -9.44 -15.43 10.61
N HIS A 184 -10.19 -15.80 9.58
CA HIS A 184 -11.36 -15.04 9.12
C HIS A 184 -11.00 -13.57 8.91
N VAL A 185 -10.05 -13.35 8.01
CA VAL A 185 -9.48 -12.03 7.77
C VAL A 185 -10.36 -11.26 6.81
N LYS A 186 -10.56 -9.98 7.11
CA LYS A 186 -11.23 -9.04 6.20
C LYS A 186 -10.35 -7.82 6.05
N ALA A 187 -10.13 -7.40 4.81
CA ALA A 187 -9.22 -6.31 4.51
C ALA A 187 -9.93 -5.23 3.69
N TRP A 188 -9.48 -3.99 3.88
CA TRP A 188 -10.06 -2.84 3.20
C TRP A 188 -8.95 -1.91 2.70
N VAL A 189 -9.30 -1.12 1.69
CA VAL A 189 -8.45 -0.04 1.18
C VAL A 189 -7.06 -0.54 0.79
N PRO A 190 -6.91 -1.17 -0.37
CA PRO A 190 -5.58 -1.62 -0.80
C PRO A 190 -4.59 -0.48 -0.81
N ARG A 191 -3.33 -0.85 -0.60
CA ARG A 191 -2.24 0.16 -0.57
C ARG A 191 -1.08 -0.40 -1.38
N PRO A 192 -0.18 0.46 -1.89
CA PRO A 192 1.00 -0.01 -2.63
C PRO A 192 1.91 -0.85 -1.76
N PRO A 193 2.50 -1.91 -2.30
CA PRO A 193 3.42 -2.73 -1.51
C PRO A 193 4.61 -1.93 -1.04
N ARG A 194 5.09 -2.26 0.15
CA ARG A 194 6.26 -1.59 0.71
C ARG A 194 7.46 -1.81 -0.20
N LEU A 195 8.16 -0.71 -0.53
CA LEU A 195 9.28 -0.75 -1.45
C LEU A 195 10.62 -0.57 -0.74
N CYS A 196 10.72 0.41 0.15
CA CYS A 196 11.93 0.59 0.93
C CYS A 196 11.99 -0.43 2.05
N GLN A 197 13.21 -0.78 2.45
CA GLN A 197 13.39 -1.72 3.55
C GLN A 197 12.88 -1.12 4.84
N TYR A 198 12.25 -1.95 5.67
CA TYR A 198 11.80 -1.51 6.98
C TYR A 198 13.00 -1.12 7.84
N GLU A 199 12.89 0.02 8.51
CA GLU A 199 13.97 0.52 9.36
C GLU A 199 13.67 0.43 10.84
N LYS A 200 12.45 0.76 11.25
CA LYS A 200 12.03 0.66 12.63
C LYS A 200 10.72 -0.11 12.72
N GLN A 201 10.57 -0.85 13.82
CA GLN A 201 9.35 -1.60 14.05
C GLN A 201 8.19 -0.71 14.46
N LYS A 202 8.46 0.45 15.03
CA LYS A 202 7.41 1.29 15.58
C LYS A 202 6.82 2.27 14.59
N ASN A 203 7.63 2.69 13.61
CA ASN A 203 7.17 3.72 12.64
C ASN A 203 7.32 3.24 11.20
N VAL A 204 6.98 4.09 10.23
CA VAL A 204 7.06 3.73 8.78
C VAL A 204 8.33 4.34 8.19
N ASN A 205 9.20 4.89 9.03
CA ASN A 205 10.40 5.61 8.52
C ASN A 205 11.12 4.76 7.49
N PHE A 206 11.72 5.41 6.49
CA PHE A 206 12.39 4.72 5.41
C PHE A 206 13.55 5.57 4.91
N THR A 207 14.46 4.90 4.20
CA THR A 207 15.58 5.62 3.57
C THR A 207 15.34 5.52 2.08
N PRO A 208 15.30 6.63 1.32
CA PRO A 208 14.94 6.61 -0.10
C PRO A 208 15.79 5.65 -0.92
N THR A 209 15.12 4.84 -1.73
CA THR A 209 15.79 3.85 -2.60
C THR A 209 15.27 3.98 -4.00
N GLY A 210 15.86 3.25 -4.95
CA GLY A 210 15.42 3.34 -6.33
C GLY A 210 14.09 2.65 -6.57
N VAL A 211 13.42 3.09 -7.63
CA VAL A 211 12.08 2.56 -7.93
C VAL A 211 12.14 1.09 -8.30
N THR A 212 13.18 0.68 -9.02
CA THR A 212 13.35 -0.71 -9.44
C THR A 212 14.82 -0.94 -9.74
N THR A 213 15.14 -2.16 -10.15
CA THR A 213 16.48 -2.48 -10.61
C THR A 213 16.73 -1.86 -11.98
N THR A 214 18.01 -1.68 -12.27
CA THR A 214 18.38 -0.92 -13.48
C THR A 214 19.03 -1.74 -14.54
N ARG A 215 18.71 -1.42 -15.79
CA ARG A 215 19.37 -2.02 -16.95
C ARG A 215 20.29 -0.99 -17.59
N VAL A 216 20.92 -1.39 -18.70
CA VAL A 216 21.93 -0.49 -19.35
C VAL A 216 21.23 0.64 -20.10
N GLY A 217 20.22 0.32 -20.92
CA GLY A 217 19.56 1.33 -21.77
C GLY A 217 18.11 1.00 -22.04
N ILE A 218 17.30 2.01 -22.35
CA ILE A 218 15.87 1.84 -22.59
C ILE A 218 15.56 0.81 -23.66
N THR A 219 16.54 0.52 -24.52
CA THR A 219 16.26 -0.37 -25.67
C THR A 219 17.01 -1.66 -25.49
N THR A 220 16.30 -2.71 -25.07
CA THR A 220 16.94 -4.03 -24.85
C THR A 220 18.34 -3.82 -24.34
N ARG B 1 -19.48 22.04 -23.76
CA ARG B 1 -20.50 22.68 -22.94
C ARG B 1 -19.99 22.92 -21.52
N VAL B 2 -20.43 24.02 -20.92
CA VAL B 2 -20.02 24.40 -19.57
C VAL B 2 -21.20 24.23 -18.62
N ARG B 3 -20.95 23.57 -17.49
CA ARG B 3 -21.96 23.36 -16.46
C ARG B 3 -21.58 24.17 -15.23
N SER B 4 -22.54 24.95 -14.72
CA SER B 4 -22.32 25.76 -13.54
C SER B 4 -22.95 25.07 -12.33
N ILE B 5 -22.15 24.89 -11.28
CA ILE B 5 -22.60 24.24 -10.06
C ILE B 5 -22.53 25.25 -8.93
N THR B 6 -23.66 25.46 -8.26
CA THR B 6 -23.75 26.39 -7.13
C THR B 6 -23.99 25.59 -5.86
N LEU B 7 -23.21 25.87 -4.83
CA LEU B 7 -23.32 25.22 -3.53
C LEU B 7 -23.32 26.31 -2.46
N GLY B 8 -24.44 26.47 -1.78
CA GLY B 8 -24.54 27.55 -0.80
C GLY B 8 -24.47 28.89 -1.50
N ASN B 9 -23.53 29.73 -1.07
CA ASN B 9 -23.31 31.04 -1.66
C ASN B 9 -22.09 31.07 -2.59
N SER B 10 -21.64 29.91 -3.05
CA SER B 10 -20.49 29.82 -3.94
C SER B 10 -20.88 29.04 -5.19
N THR B 11 -20.30 29.42 -6.32
CA THR B 11 -20.58 28.77 -7.59
C THR B 11 -19.30 28.64 -8.40
N ILE B 12 -19.13 27.49 -9.06
CA ILE B 12 -17.98 27.25 -9.93
C ILE B 12 -18.48 26.70 -11.26
N THR B 13 -17.61 26.73 -12.26
CA THR B 13 -18.00 26.22 -13.60
C THR B 13 -17.09 25.05 -13.99
N THR B 14 -17.68 23.99 -14.54
CA THR B 14 -16.90 22.81 -14.97
C THR B 14 -17.31 22.41 -16.38
N GLN B 15 -16.41 21.77 -17.13
CA GLN B 15 -16.81 21.26 -18.48
C GLN B 15 -17.93 20.25 -18.27
N GLU B 16 -19.04 20.40 -19.00
CA GLU B 16 -20.21 19.51 -18.79
C GLU B 16 -19.79 18.04 -18.88
N CYS B 17 -18.98 17.70 -19.88
CA CYS B 17 -18.62 16.27 -20.08
C CYS B 17 -17.30 15.93 -19.37
N ALA B 18 -17.12 16.40 -18.14
CA ALA B 18 -15.91 16.02 -17.38
C ALA B 18 -16.18 14.69 -16.68
N ASN B 19 -15.16 13.84 -16.57
CA ASN B 19 -15.37 12.51 -15.94
C ASN B 19 -15.10 12.61 -14.44
N VAL B 20 -15.99 12.06 -13.63
CA VAL B 20 -15.83 12.11 -12.15
C VAL B 20 -15.40 10.72 -11.68
N VAL B 21 -14.36 10.66 -10.85
CA VAL B 21 -13.92 9.35 -10.28
C VAL B 21 -14.51 9.20 -8.89
N VAL B 22 -15.41 8.23 -8.72
CA VAL B 22 -15.93 7.94 -7.38
C VAL B 22 -14.89 7.08 -6.66
N GLY B 23 -14.56 7.46 -5.43
CA GLY B 23 -13.47 6.87 -4.68
C GLY B 23 -13.38 5.36 -4.68
N TYR B 24 -14.37 4.68 -4.12
CA TYR B 24 -14.39 3.23 -4.06
C TYR B 24 -15.77 2.70 -4.46
N GLY B 25 -16.41 3.39 -5.39
CA GLY B 25 -17.76 3.04 -5.78
C GLY B 25 -18.82 3.40 -4.76
N VAL B 26 -18.47 4.19 -3.75
CA VAL B 26 -19.38 4.53 -2.66
C VAL B 26 -19.47 6.04 -2.58
N TRP B 27 -20.69 6.56 -2.62
CA TRP B 27 -20.90 8.00 -2.48
C TRP B 27 -20.95 8.38 -1.00
N PRO B 28 -20.53 9.60 -0.64
CA PRO B 28 -20.65 10.03 0.76
C PRO B 28 -22.09 9.98 1.25
N GLU B 29 -22.29 9.41 2.44
CA GLU B 29 -23.62 9.28 3.01
C GLU B 29 -23.55 9.59 4.50
N TYR B 30 -24.71 9.64 5.14
CA TYR B 30 -24.80 9.91 6.57
C TYR B 30 -24.67 8.62 7.35
N LEU B 31 -24.24 8.74 8.60
CA LEU B 31 -24.03 7.58 9.46
C LEU B 31 -25.34 6.83 9.66
N LYS B 32 -25.44 5.63 9.10
CA LYS B 32 -26.71 4.86 9.18
C LYS B 32 -26.96 4.47 10.64
N THR B 43 -24.33 12.39 14.35
CA THR B 43 -25.50 12.70 15.22
C THR B 43 -26.14 14.02 14.78
N GLN B 44 -25.33 15.09 14.70
CA GLN B 44 -25.85 16.41 14.29
C GLN B 44 -25.21 16.80 12.96
N PRO B 45 -25.97 16.90 11.84
CA PRO B 45 -25.41 17.36 10.57
C PRO B 45 -25.34 18.89 10.40
N ASP B 46 -24.58 19.36 9.42
CA ASP B 46 -24.52 20.82 9.13
C ASP B 46 -24.55 21.01 7.61
N VAL B 47 -25.46 21.85 7.11
CA VAL B 47 -25.61 22.00 5.63
C VAL B 47 -25.07 23.36 5.20
N ALA B 48 -24.79 24.26 6.14
CA ALA B 48 -24.17 25.55 5.77
C ALA B 48 -22.70 25.31 5.40
N THR B 49 -22.17 24.13 5.72
CA THR B 49 -20.77 23.80 5.37
C THR B 49 -20.71 23.38 3.93
N CYS B 50 -21.86 23.05 3.33
CA CYS B 50 -21.85 22.51 1.93
C CYS B 50 -21.56 23.64 0.94
N ARG B 51 -20.39 24.27 1.03
CA ARG B 51 -20.02 25.30 0.05
C ARG B 51 -18.63 24.98 -0.50
N PHE B 52 -18.40 25.25 -1.77
CA PHE B 52 -17.09 25.07 -2.38
C PHE B 52 -16.06 25.93 -1.66
N TYR B 53 -14.92 25.33 -1.33
CA TYR B 53 -13.79 26.04 -0.72
C TYR B 53 -12.64 26.01 -1.71
N THR B 54 -12.42 27.12 -2.40
CA THR B 54 -11.35 27.23 -3.39
C THR B 54 -10.09 27.68 -2.67
N LEU B 55 -9.12 26.77 -2.54
CA LEU B 55 -7.86 27.11 -1.90
C LEU B 55 -7.02 27.99 -2.82
N GLU B 56 -5.89 28.44 -2.29
CA GLU B 56 -4.97 29.24 -3.10
C GLU B 56 -4.37 28.39 -4.21
N SER B 57 -4.30 28.96 -5.41
CA SER B 57 -3.74 28.24 -6.55
C SER B 57 -2.23 28.15 -6.43
N VAL B 58 -1.70 27.02 -6.89
CA VAL B 58 -0.26 26.79 -6.91
C VAL B 58 0.22 26.88 -8.35
N GLN B 59 1.50 27.15 -8.50
CA GLN B 59 2.10 27.42 -9.81
C GLN B 59 2.94 26.23 -10.23
N TRP B 60 2.40 25.43 -11.16
CA TRP B 60 3.14 24.32 -11.74
C TRP B 60 4.25 24.85 -12.65
N MET B 61 5.48 24.49 -12.34
CA MET B 61 6.65 24.95 -13.06
C MET B 61 7.41 23.76 -13.64
N LYS B 62 8.51 24.05 -14.32
CA LYS B 62 9.35 23.00 -14.89
C LYS B 62 9.97 22.14 -13.79
N ASN B 63 10.44 22.75 -12.72
CA ASN B 63 11.13 22.04 -11.65
C ASN B 63 10.20 21.58 -10.54
N SER B 64 8.88 21.73 -10.73
CA SER B 64 7.93 21.32 -9.70
C SER B 64 8.01 19.81 -9.48
N ALA B 65 8.05 19.42 -8.21
CA ALA B 65 8.08 18.01 -7.85
C ALA B 65 6.72 17.47 -7.44
N GLY B 66 5.87 18.30 -6.89
CA GLY B 66 4.55 17.87 -6.48
C GLY B 66 4.06 18.67 -5.28
N TRP B 67 2.77 18.52 -5.01
CA TRP B 67 2.12 19.18 -3.88
C TRP B 67 1.19 18.20 -3.19
N TRP B 68 0.95 18.43 -1.90
CA TRP B 68 -0.02 17.63 -1.18
C TRP B 68 -0.72 18.47 -0.12
N TRP B 69 -1.95 18.07 0.20
CA TRP B 69 -2.75 18.76 1.24
C TRP B 69 -3.41 17.68 2.12
N LYS B 70 -3.27 17.76 3.44
CA LYS B 70 -3.99 16.82 4.34
C LYS B 70 -5.43 17.33 4.40
N LEU B 71 -6.43 16.45 4.29
CA LEU B 71 -7.82 16.95 4.13
C LEU B 71 -8.38 17.71 5.33
N PRO B 72 -8.75 17.10 6.48
CA PRO B 72 -9.39 17.87 7.54
C PRO B 72 -8.61 19.18 7.71
N ASP B 73 -7.28 19.11 7.84
CA ASP B 73 -6.46 20.32 8.12
C ASP B 73 -6.63 21.40 7.06
N ALA B 74 -6.68 21.05 5.77
CA ALA B 74 -6.74 22.08 4.72
C ALA B 74 -7.94 23.00 4.92
N LEU B 75 -9.04 22.47 5.45
CA LEU B 75 -10.27 23.30 5.61
C LEU B 75 -10.43 23.69 7.09
N SER B 76 -9.34 23.81 7.84
CA SER B 76 -9.43 24.11 9.30
C SER B 76 -9.59 25.61 9.54
N GLN B 77 -9.24 26.43 8.55
CA GLN B 77 -9.35 27.88 8.67
C GLN B 77 -10.32 28.45 7.64
N MET B 78 -11.37 27.70 7.33
CA MET B 78 -12.33 28.09 6.28
C MET B 78 -13.75 28.10 6.85
N GLY B 79 -14.20 29.28 7.27
CA GLY B 79 -15.60 29.50 7.55
C GLY B 79 -16.16 28.59 8.63
N LEU B 80 -17.39 28.13 8.41
CA LEU B 80 -18.09 27.37 9.43
C LEU B 80 -17.49 25.98 9.60
N PHE B 81 -16.91 25.42 8.54
CA PHE B 81 -16.30 24.10 8.64
C PHE B 81 -15.18 24.10 9.67
N GLY B 82 -14.30 25.10 9.60
CA GLY B 82 -13.31 25.26 10.66
C GLY B 82 -13.95 25.56 12.00
N GLN B 83 -14.97 26.42 11.97
CA GLN B 83 -15.71 26.74 13.20
C GLN B 83 -16.29 25.49 13.83
N ASN B 84 -16.90 24.63 12.99
CA ASN B 84 -17.42 23.36 13.50
C ASN B 84 -16.30 22.47 14.00
N MET B 85 -15.13 22.54 13.37
CA MET B 85 -14.01 21.71 13.80
C MET B 85 -13.57 22.07 15.21
N GLN B 86 -13.44 23.37 15.51
CA GLN B 86 -13.08 23.71 16.89
C GLN B 86 -14.25 23.56 17.85
N TYR B 87 -15.48 23.70 17.36
CA TYR B 87 -16.64 23.62 18.25
C TYR B 87 -16.88 22.19 18.71
N HIS B 88 -17.14 21.29 17.76
CA HIS B 88 -17.45 19.91 18.09
C HIS B 88 -16.16 19.11 18.32
N TYR B 89 -16.25 18.11 19.20
CA TYR B 89 -15.05 17.27 19.49
C TYR B 89 -14.92 16.18 18.43
N LEU B 90 -16.05 15.66 17.93
CA LEU B 90 -16.02 14.55 17.00
C LEU B 90 -16.81 14.89 15.75
N GLY B 91 -16.43 14.29 14.63
CA GLY B 91 -17.13 14.52 13.38
C GLY B 91 -16.68 13.55 12.30
N ARG B 92 -17.42 13.56 11.21
CA ARG B 92 -17.13 12.72 10.05
C ARG B 92 -17.71 13.38 8.81
N THR B 93 -17.03 13.23 7.68
CA THR B 93 -17.49 13.85 6.45
C THR B 93 -16.81 13.20 5.25
N GLY B 94 -17.48 13.27 4.11
CA GLY B 94 -16.88 12.97 2.83
C GLY B 94 -16.41 14.26 2.15
N TYR B 95 -15.86 14.09 0.94
CA TYR B 95 -15.36 15.22 0.19
C TYR B 95 -15.61 15.03 -1.30
N THR B 96 -15.67 16.15 -2.00
CA THR B 96 -15.65 16.19 -3.46
C THR B 96 -14.56 17.17 -3.85
N ILE B 97 -13.51 16.68 -4.52
CA ILE B 97 -12.34 17.47 -4.83
C ILE B 97 -12.32 17.77 -6.32
N HIS B 98 -12.23 19.05 -6.66
CA HIS B 98 -12.06 19.51 -8.04
C HIS B 98 -10.64 20.04 -8.19
N VAL B 99 -9.92 19.54 -9.18
CA VAL B 99 -8.60 20.05 -9.54
C VAL B 99 -8.67 20.53 -10.98
N GLN B 100 -8.26 21.77 -11.21
CA GLN B 100 -8.35 22.38 -12.54
C GLN B 100 -7.03 23.07 -12.86
N CYS B 101 -6.54 22.87 -14.08
CA CYS B 101 -5.35 23.53 -14.57
C CYS B 101 -5.73 24.50 -15.68
N ASN B 102 -5.10 25.67 -15.68
CA ASN B 102 -5.29 26.66 -16.72
C ASN B 102 -4.03 26.66 -17.58
N ALA B 103 -4.08 25.96 -18.72
CA ALA B 103 -2.95 25.87 -19.62
C ALA B 103 -3.45 26.02 -21.05
N SER B 104 -2.55 26.47 -21.91
CA SER B 104 -2.85 26.59 -23.33
C SER B 104 -2.47 25.31 -24.06
N LYS B 105 -2.85 25.23 -25.34
CA LYS B 105 -2.52 24.09 -26.15
C LYS B 105 -1.04 24.02 -26.50
N PHE B 106 -0.27 25.06 -26.18
CA PHE B 106 1.17 25.08 -26.40
C PHE B 106 1.94 24.59 -25.19
N HIS B 107 1.26 24.15 -24.14
CA HIS B 107 1.88 23.60 -22.95
C HIS B 107 1.70 22.08 -22.95
N GLN B 108 2.70 21.37 -22.42
CA GLN B 108 2.64 19.92 -22.32
C GLN B 108 3.01 19.49 -20.91
N GLY B 109 2.38 18.42 -20.45
CA GLY B 109 2.66 17.87 -19.14
C GLY B 109 1.60 16.91 -18.67
N CYS B 110 1.94 16.04 -17.73
CA CYS B 110 1.00 15.07 -17.19
C CYS B 110 1.04 15.11 -15.68
N LEU B 111 -0.13 15.11 -15.05
CA LEU B 111 -0.26 15.15 -13.60
C LEU B 111 -1.00 13.92 -13.11
N LEU B 112 -0.60 13.45 -11.93
CA LEU B 112 -1.36 12.43 -11.21
C LEU B 112 -2.06 13.10 -10.04
N VAL B 113 -3.38 12.96 -9.99
CA VAL B 113 -4.20 13.54 -8.93
C VAL B 113 -4.81 12.38 -8.14
N VAL B 114 -4.28 12.14 -6.94
CA VAL B 114 -4.63 10.96 -6.17
C VAL B 114 -4.97 11.36 -4.75
N CYS B 115 -5.98 10.70 -4.18
CA CYS B 115 -6.40 10.92 -2.80
C CYS B 115 -6.07 9.66 -2.00
N VAL B 116 -5.15 9.79 -1.05
CA VAL B 116 -4.61 8.65 -0.31
C VAL B 116 -5.24 8.61 1.07
N PRO B 117 -5.99 7.56 1.42
CA PRO B 117 -6.50 7.46 2.80
C PRO B 117 -5.39 7.04 3.76
N GLU B 118 -5.31 7.74 4.89
CA GLU B 118 -4.35 7.44 5.95
C GLU B 118 -2.92 7.44 5.43
N ALA B 119 -2.55 8.56 4.80
CA ALA B 119 -1.22 8.70 4.20
C ALA B 119 -0.20 9.06 5.29
N GLU B 120 0.15 8.04 6.07
CA GLU B 120 1.18 8.21 7.09
C GLU B 120 2.54 8.38 6.44
N MET B 121 3.27 9.42 6.84
CA MET B 121 4.50 9.80 6.18
C MET B 121 5.70 9.59 7.11
N GLY B 122 6.83 9.21 6.51
CA GLY B 122 8.05 9.02 7.26
C GLY B 122 8.80 10.30 7.52
N CYS B 123 9.85 10.19 8.32
CA CYS B 123 10.68 11.32 8.72
C CYS B 123 12.09 11.14 8.19
N SER B 124 12.76 12.28 7.94
CA SER B 124 14.13 12.23 7.44
C SER B 124 15.05 11.56 8.45
N ASN B 125 14.89 11.89 9.74
CA ASN B 125 15.60 11.19 10.79
C ASN B 125 14.86 9.89 11.10
N LEU B 126 15.56 8.77 10.99
CA LEU B 126 14.90 7.46 11.11
C LEU B 126 14.35 7.21 12.51
N ASN B 127 14.88 7.89 13.53
CA ASN B 127 14.47 7.63 14.90
C ASN B 127 13.28 8.47 15.34
N ASN B 128 12.99 9.56 14.66
CA ASN B 128 11.94 10.49 15.07
C ASN B 128 10.74 10.37 14.14
N THR B 129 9.76 11.24 14.38
CA THR B 129 8.56 11.37 13.56
C THR B 129 8.40 12.83 13.14
N PRO B 130 7.78 13.08 11.99
CA PRO B 130 7.65 14.47 11.53
C PRO B 130 6.74 15.28 12.44
N GLU B 131 7.02 16.57 12.52
CA GLU B 131 6.18 17.47 13.30
C GLU B 131 4.96 17.88 12.48
N PHE B 132 3.97 18.45 13.18
CA PHE B 132 2.69 18.78 12.56
C PHE B 132 2.89 19.82 11.45
N ALA B 133 3.77 20.77 11.70
CA ALA B 133 4.02 21.83 10.70
C ALA B 133 4.45 21.20 9.38
N GLU B 134 5.45 20.33 9.45
CA GLU B 134 5.95 19.70 8.23
C GLU B 134 4.96 18.71 7.64
N LEU B 135 4.07 18.14 8.45
CA LEU B 135 3.15 17.14 7.88
C LEU B 135 2.02 17.86 7.15
N SER B 136 1.67 19.07 7.59
CA SER B 136 0.53 19.80 6.98
C SER B 136 0.72 21.30 7.08
N GLY B 137 0.31 22.05 6.05
CA GLY B 137 0.41 23.53 6.08
C GLY B 137 -0.98 24.14 6.07
N GLY B 138 -2.00 23.37 6.41
CA GLY B 138 -3.37 23.88 6.37
C GLY B 138 -3.79 24.18 4.96
N ASP B 139 -4.18 25.43 4.70
CA ASP B 139 -4.60 25.84 3.34
C ASP B 139 -3.37 25.87 2.43
N THR B 140 -2.20 26.20 2.98
CA THR B 140 -0.95 26.23 2.20
C THR B 140 -0.59 24.83 1.79
N ALA B 141 0.02 24.66 0.61
CA ALA B 141 0.34 23.32 0.10
C ALA B 141 1.72 22.88 0.58
N ARG B 142 1.90 21.57 0.72
CA ARG B 142 3.24 21.05 1.08
C ARG B 142 3.84 20.50 -0.22
N MET B 143 5.11 20.77 -0.47
CA MET B 143 5.74 20.40 -1.74
C MET B 143 6.69 19.21 -1.55
N PHE B 144 6.60 18.26 -2.47
CA PHE B 144 7.57 17.19 -2.56
C PHE B 144 8.90 17.75 -3.06
N THR B 145 9.95 16.93 -2.97
CA THR B 145 11.29 17.33 -3.36
C THR B 145 11.91 16.27 -4.25
N ASP B 146 12.52 16.70 -5.35
CA ASP B 146 13.21 15.78 -6.24
C ASP B 146 14.54 15.32 -5.71
N THR B 147 14.98 15.85 -4.57
CA THR B 147 16.18 15.41 -3.88
C THR B 147 15.78 14.69 -2.60
N GLN B 148 16.77 14.07 -1.96
CA GLN B 148 16.54 13.33 -0.72
C GLN B 148 16.92 14.21 0.47
N ILE B 149 15.97 14.37 1.39
CA ILE B 149 16.20 15.21 2.60
C ILE B 149 17.26 14.51 3.47
N GLY B 150 18.27 15.25 3.90
CA GLY B 150 19.35 14.68 4.69
C GLY B 150 18.88 14.20 6.05
N GLU B 151 19.60 13.21 6.59
CA GLU B 151 19.26 12.64 7.89
C GLU B 151 19.56 13.59 9.04
N THR B 152 20.50 14.50 8.85
CA THR B 152 20.82 15.48 9.90
C THR B 152 19.54 16.13 10.36
N ASN B 153 18.69 16.53 9.42
CA ASN B 153 17.44 17.19 9.75
C ASN B 153 16.63 16.33 10.71
N SER B 154 16.07 16.91 11.76
CA SER B 154 15.48 16.05 12.82
C SER B 154 13.99 15.73 12.66
N LYS B 155 13.15 16.67 12.25
CA LYS B 155 11.73 16.38 12.29
C LYS B 155 11.04 16.77 10.99
N LYS B 156 11.71 16.60 9.85
CA LYS B 156 11.09 16.89 8.57
C LYS B 156 10.68 15.62 7.84
N VAL B 157 9.71 15.77 6.94
CA VAL B 157 9.20 14.65 6.15
C VAL B 157 10.20 14.32 5.06
N GLN B 158 10.47 13.03 4.87
CA GLN B 158 11.27 12.57 3.74
C GLN B 158 10.43 12.75 2.48
N THR B 159 10.68 13.84 1.75
CA THR B 159 9.80 14.26 0.67
C THR B 159 10.29 13.87 -0.71
N ALA B 160 11.15 12.86 -0.81
CA ALA B 160 11.56 12.35 -2.12
C ALA B 160 10.34 11.85 -2.88
N VAL B 161 10.14 12.37 -4.10
CA VAL B 161 8.89 12.11 -4.81
C VAL B 161 8.75 10.64 -5.17
N TRP B 162 9.83 10.01 -5.61
CA TRP B 162 9.72 8.65 -6.14
C TRP B 162 9.30 7.65 -5.07
N ASN B 163 9.40 8.02 -3.79
CA ASN B 163 8.84 7.21 -2.72
C ASN B 163 7.55 7.78 -2.16
N ALA B 164 7.15 8.97 -2.60
CA ALA B 164 5.89 9.61 -2.19
C ALA B 164 5.81 9.80 -0.67
N GLY B 165 6.96 9.86 0.00
CA GLY B 165 6.97 10.03 1.45
C GLY B 165 6.37 8.88 2.24
N MET B 166 6.18 7.72 1.62
CA MET B 166 5.58 6.57 2.30
C MET B 166 6.40 5.31 2.10
N GLY B 167 7.58 5.41 1.48
CA GLY B 167 8.41 4.24 1.25
C GLY B 167 7.81 3.25 0.28
N VAL B 168 7.09 3.73 -0.73
CA VAL B 168 6.48 2.88 -1.74
C VAL B 168 6.87 3.42 -3.11
N GLY B 169 6.57 2.62 -4.14
CA GLY B 169 6.81 3.05 -5.51
C GLY B 169 5.76 4.07 -5.91
N VAL B 170 6.21 5.25 -6.35
CA VAL B 170 5.28 6.32 -6.70
C VAL B 170 4.41 5.91 -7.87
N GLY B 171 4.93 5.09 -8.77
CA GLY B 171 4.14 4.60 -9.88
C GLY B 171 3.01 3.67 -9.50
N ASN B 172 2.99 3.20 -8.25
CA ASN B 172 1.94 2.33 -7.75
C ASN B 172 0.85 3.08 -7.01
N LEU B 173 0.91 4.41 -6.98
CA LEU B 173 -0.12 5.19 -6.30
C LEU B 173 -1.47 5.09 -6.98
N THR B 174 -1.55 4.55 -8.19
CA THR B 174 -2.81 4.43 -8.90
C THR B 174 -3.77 3.46 -8.24
N ILE B 175 -3.32 2.68 -7.26
CA ILE B 175 -4.23 1.81 -6.54
C ILE B 175 -5.25 2.62 -5.76
N TYR B 176 -4.87 3.83 -5.37
CA TYR B 176 -5.78 4.72 -4.60
C TYR B 176 -6.56 5.57 -5.56
N PRO B 177 -7.83 5.91 -5.28
CA PRO B 177 -8.66 6.67 -6.23
C PRO B 177 -7.88 7.84 -6.82
N HIS B 178 -7.86 7.94 -8.14
CA HIS B 178 -6.95 8.84 -8.82
C HIS B 178 -7.52 9.23 -10.18
N GLN B 179 -6.94 10.28 -10.76
CA GLN B 179 -7.27 10.70 -12.11
C GLN B 179 -6.04 11.34 -12.73
N TRP B 180 -5.76 11.01 -13.98
CA TRP B 180 -4.65 11.60 -14.71
C TRP B 180 -5.09 12.87 -15.41
N ILE B 181 -4.22 13.87 -15.41
CA ILE B 181 -4.45 15.11 -16.13
C ILE B 181 -3.35 15.22 -17.19
N ASN B 182 -3.69 14.89 -18.43
CA ASN B 182 -2.79 15.02 -19.56
C ASN B 182 -3.17 16.28 -20.31
N LEU B 183 -2.29 17.28 -20.29
CA LEU B 183 -2.59 18.62 -20.79
C LEU B 183 -3.09 18.61 -22.23
N ARG B 184 -2.57 17.70 -23.05
CA ARG B 184 -3.00 17.62 -24.44
C ARG B 184 -4.41 17.05 -24.56
N THR B 185 -4.94 16.40 -23.53
CA THR B 185 -6.24 15.76 -23.59
C THR B 185 -7.26 16.39 -22.65
N ASN B 186 -6.91 16.59 -21.38
CA ASN B 186 -7.83 17.13 -20.40
C ASN B 186 -7.07 18.02 -19.44
N ASN B 187 -7.80 18.85 -18.70
CA ASN B 187 -7.18 19.77 -17.77
C ASN B 187 -7.82 19.78 -16.39
N SER B 188 -8.82 18.94 -16.14
CA SER B 188 -9.52 18.95 -14.86
C SER B 188 -9.67 17.52 -14.34
N ALA B 189 -9.79 17.41 -13.03
CA ALA B 189 -10.00 16.12 -12.36
C ALA B 189 -11.02 16.30 -11.25
N THR B 190 -11.87 15.30 -11.06
CA THR B 190 -12.90 15.33 -10.03
C THR B 190 -12.92 13.99 -9.30
N ILE B 191 -12.53 14.02 -8.03
CA ILE B 191 -12.50 12.79 -7.21
C ILE B 191 -13.52 12.92 -6.08
N VAL B 192 -14.44 11.96 -5.96
CA VAL B 192 -15.45 11.92 -4.92
C VAL B 192 -14.99 10.91 -3.88
N MET B 193 -14.67 11.39 -2.69
CA MET B 193 -14.10 10.51 -1.65
C MET B 193 -15.10 10.30 -0.53
N PRO B 194 -15.49 9.06 -0.26
CA PRO B 194 -16.38 8.79 0.88
C PRO B 194 -15.61 8.84 2.20
N TYR B 195 -16.36 8.74 3.28
CA TYR B 195 -15.74 8.67 4.60
C TYR B 195 -15.16 7.28 4.82
N ILE B 196 -13.86 7.23 5.12
CA ILE B 196 -13.14 5.98 5.30
C ILE B 196 -12.41 6.05 6.63
N ASN B 197 -12.78 5.20 7.57
CA ASN B 197 -12.14 5.15 8.88
C ASN B 197 -12.44 3.82 9.54
N SER B 198 -11.63 3.49 10.55
CA SER B 198 -11.88 2.29 11.35
C SER B 198 -12.90 2.54 12.46
N VAL B 199 -13.32 3.79 12.66
CA VAL B 199 -14.31 4.13 13.66
C VAL B 199 -15.39 4.98 12.98
N PRO B 200 -16.65 4.93 13.46
CA PRO B 200 -17.70 5.72 12.82
C PRO B 200 -17.46 7.22 12.84
N MET B 201 -16.85 7.75 13.92
CA MET B 201 -16.57 9.18 14.01
C MET B 201 -15.21 9.36 14.67
N ASP B 202 -14.57 10.48 14.38
CA ASP B 202 -13.22 10.72 14.90
C ASP B 202 -13.01 12.21 15.13
N ASN B 203 -12.00 12.52 15.93
CA ASN B 203 -11.62 13.89 16.21
C ASN B 203 -10.88 14.46 15.00
N MET B 204 -11.38 15.57 14.45
CA MET B 204 -10.85 16.10 13.20
C MET B 204 -9.53 16.83 13.37
N PHE B 205 -9.17 17.24 14.58
CA PHE B 205 -7.96 18.02 14.79
C PHE B 205 -6.71 17.17 15.01
N ARG B 206 -6.87 15.89 15.33
CA ARG B 206 -5.69 15.05 15.68
C ARG B 206 -5.47 13.94 14.65
N HIS B 207 -6.30 13.87 13.61
CA HIS B 207 -6.24 12.78 12.65
C HIS B 207 -6.65 13.28 11.28
N ASN B 208 -5.75 13.14 10.31
CA ASN B 208 -6.04 13.52 8.92
C ASN B 208 -6.45 12.26 8.16
N ASN B 209 -7.73 12.15 7.87
CA ASN B 209 -8.24 10.95 7.21
C ASN B 209 -7.70 10.81 5.79
N LEU B 210 -7.61 11.92 5.06
CA LEU B 210 -7.30 11.88 3.63
C LEU B 210 -6.14 12.82 3.33
N THR B 211 -5.37 12.46 2.30
CA THR B 211 -4.30 13.31 1.78
C THR B 211 -4.42 13.37 0.27
N LEU B 212 -4.58 14.57 -0.26
CA LEU B 212 -4.64 14.78 -1.70
C LEU B 212 -3.24 15.06 -2.21
N MET B 213 -2.84 14.35 -3.26
CA MET B 213 -1.51 14.48 -3.83
C MET B 213 -1.62 14.82 -5.31
N ILE B 214 -0.75 15.72 -5.76
CA ILE B 214 -0.63 16.09 -7.17
C ILE B 214 0.84 16.00 -7.54
N ILE B 215 1.20 15.02 -8.36
CA ILE B 215 2.58 14.72 -8.69
C ILE B 215 2.75 14.79 -10.20
N PRO B 216 3.64 15.64 -10.73
CA PRO B 216 3.87 15.67 -12.17
C PRO B 216 4.75 14.52 -12.65
N PHE B 217 4.16 13.53 -13.32
CA PHE B 217 4.96 12.43 -13.85
C PHE B 217 5.73 12.85 -15.08
N VAL B 218 5.12 13.63 -15.95
CA VAL B 218 5.78 14.24 -17.10
C VAL B 218 5.93 15.73 -16.81
N PRO B 219 7.14 16.26 -16.74
CA PRO B 219 7.32 17.65 -16.33
C PRO B 219 6.71 18.62 -17.33
N LEU B 220 6.27 19.77 -16.83
CA LEU B 220 5.72 20.80 -17.69
C LEU B 220 6.79 21.33 -18.63
N ASN B 221 6.44 21.46 -19.91
CA ASN B 221 7.36 21.97 -20.91
C ASN B 221 6.63 22.94 -21.83
N TYR B 222 7.37 23.92 -22.32
CA TYR B 222 6.83 24.97 -23.18
C TYR B 222 7.99 25.63 -23.90
N SER B 223 7.66 26.36 -24.97
CA SER B 223 8.65 27.12 -25.71
C SER B 223 8.74 28.54 -25.19
N GLU B 224 9.85 29.20 -25.51
CA GLU B 224 10.05 30.57 -25.09
C GLU B 224 8.94 31.48 -25.61
N GLY B 225 8.38 32.30 -24.73
CA GLY B 225 7.28 33.16 -25.09
C GLY B 225 5.99 32.75 -24.42
N SER B 226 5.79 31.44 -24.24
CA SER B 226 4.63 30.95 -23.54
C SER B 226 4.73 31.25 -22.05
N SER B 227 3.61 31.17 -21.36
CA SER B 227 3.60 31.44 -19.93
C SER B 227 4.48 30.41 -19.21
N PRO B 228 5.38 30.86 -18.33
CA PRO B 228 6.33 29.93 -17.72
C PRO B 228 5.74 29.17 -16.54
N TYR B 229 4.42 29.17 -16.43
CA TYR B 229 3.75 28.52 -15.31
C TYR B 229 2.38 28.05 -15.77
N VAL B 230 1.80 27.14 -15.00
CA VAL B 230 0.44 26.68 -15.21
C VAL B 230 -0.24 26.63 -13.85
N PRO B 231 -1.22 27.50 -13.56
CA PRO B 231 -1.87 27.48 -12.25
C PRO B 231 -2.70 26.21 -12.08
N ILE B 232 -2.68 25.67 -10.86
CA ILE B 232 -3.51 24.53 -10.48
C ILE B 232 -4.41 24.98 -9.34
N THR B 233 -5.72 24.85 -9.54
CA THR B 233 -6.71 25.29 -8.56
C THR B 233 -7.38 24.08 -7.95
N VAL B 234 -7.41 24.02 -6.63
CA VAL B 234 -8.07 22.94 -5.89
C VAL B 234 -9.32 23.49 -5.24
N THR B 235 -10.45 22.84 -5.48
CA THR B 235 -11.72 23.21 -4.88
C THR B 235 -12.28 22.00 -4.16
N ILE B 236 -12.55 22.15 -2.87
CA ILE B 236 -13.00 21.06 -2.01
C ILE B 236 -14.36 21.42 -1.45
N ALA B 237 -15.32 20.51 -1.58
CA ALA B 237 -16.67 20.68 -1.03
C ALA B 237 -16.97 19.54 -0.09
N PRO B 238 -17.01 19.78 1.22
CA PRO B 238 -17.39 18.72 2.16
C PRO B 238 -18.78 18.19 1.87
N MET B 239 -18.93 16.88 1.97
CA MET B 239 -20.19 16.21 1.67
C MET B 239 -20.66 15.39 2.87
N CYS B 240 -21.95 15.54 3.18
CA CYS B 240 -22.60 14.76 4.24
C CYS B 240 -21.85 14.88 5.56
N ALA B 241 -21.46 16.10 5.93
CA ALA B 241 -20.77 16.31 7.19
C ALA B 241 -21.75 16.25 8.36
N GLU B 242 -21.31 15.66 9.46
CA GLU B 242 -22.12 15.57 10.67
C GLU B 242 -21.20 15.43 11.87
N TYR B 243 -21.65 15.99 12.99
CA TYR B 243 -20.83 16.01 14.21
C TYR B 243 -21.61 15.45 15.40
N ASN B 244 -21.01 15.51 16.58
CA ASN B 244 -21.63 15.00 17.79
C ASN B 244 -22.58 16.02 18.39
N GLY B 245 -23.63 15.52 19.04
CA GLY B 245 -24.55 16.40 19.72
C GLY B 245 -23.95 17.02 20.96
N LEU B 246 -24.56 18.13 21.39
CA LEU B 246 -24.06 18.88 22.54
C LEU B 246 -25.12 19.12 23.60
N ARG B 247 -26.26 18.44 23.47
CA ARG B 247 -27.37 18.68 24.41
C ARG B 247 -27.56 17.48 25.33
N LEU B 248 -28.47 17.60 26.29
CA LEU B 248 -28.78 16.52 27.21
C LEU B 248 -29.78 15.55 26.59
N ALA B 249 -30.15 14.53 27.35
CA ALA B 249 -31.09 13.53 26.87
C ALA B 249 -32.43 13.66 27.58
N GLY C 1 -14.87 -46.92 28.12
CA GLY C 1 -15.28 -45.91 27.16
C GLY C 1 -15.38 -46.45 25.75
N LEU C 2 -15.73 -45.57 24.82
CA LEU C 2 -15.83 -45.97 23.42
C LEU C 2 -14.43 -46.31 22.89
N PRO C 3 -14.25 -47.47 22.26
CA PRO C 3 -12.91 -47.85 21.78
C PRO C 3 -12.48 -46.95 20.62
N VAL C 4 -11.26 -46.43 20.72
CA VAL C 4 -10.67 -45.57 19.70
C VAL C 4 -9.24 -46.01 19.44
N MET C 5 -8.71 -45.58 18.30
CA MET C 5 -7.34 -45.88 17.89
C MET C 5 -6.72 -44.61 17.33
N THR C 6 -5.53 -44.26 17.81
CA THR C 6 -4.85 -43.07 17.31
C THR C 6 -3.98 -43.44 16.11
N THR C 7 -4.24 -42.78 14.99
CA THR C 7 -3.52 -42.96 13.74
C THR C 7 -2.20 -42.18 13.78
N PRO C 8 -1.26 -42.50 12.90
CA PRO C 8 -0.03 -41.71 12.83
C PRO C 8 -0.32 -40.23 12.57
N GLY C 9 0.46 -39.38 13.21
CA GLY C 9 0.25 -37.94 13.12
C GLY C 9 -0.82 -37.40 14.03
N SER C 10 -1.04 -38.01 15.19
CA SER C 10 -2.15 -37.61 16.04
C SER C 10 -1.78 -36.41 16.92
N THR C 11 -0.56 -36.38 17.46
CA THR C 11 -0.14 -35.31 18.35
C THR C 11 0.78 -34.31 17.66
N GLN C 12 0.89 -34.39 16.34
CA GLN C 12 1.80 -33.53 15.59
C GLN C 12 1.20 -32.15 15.40
N PHE C 13 2.08 -31.17 15.20
CA PHE C 13 1.68 -29.82 14.85
C PHE C 13 2.14 -29.55 13.43
N LEU C 14 1.20 -29.63 12.49
CA LEU C 14 1.47 -29.28 11.10
C LEU C 14 1.07 -27.82 10.91
N THR C 15 2.01 -26.99 10.45
CA THR C 15 1.78 -25.56 10.39
C THR C 15 0.65 -25.19 9.43
N SER C 16 0.26 -26.08 8.54
CA SER C 16 -0.85 -25.84 7.62
C SER C 16 -2.14 -26.52 8.05
N ASP C 17 -2.21 -26.98 9.29
CA ASP C 17 -3.40 -27.69 9.76
C ASP C 17 -4.58 -26.71 9.88
N ASP C 18 -5.79 -27.27 9.85
CA ASP C 18 -7.01 -26.50 9.98
C ASP C 18 -7.92 -27.22 10.98
N PHE C 19 -7.75 -26.92 12.26
CA PHE C 19 -8.47 -27.57 13.33
C PHE C 19 -9.17 -26.52 14.20
N GLN C 20 -10.26 -26.95 14.84
CA GLN C 20 -10.92 -26.11 15.82
C GLN C 20 -10.01 -25.87 17.01
N SER C 21 -9.98 -24.64 17.48
CA SER C 21 -9.14 -24.33 18.62
C SER C 21 -9.95 -23.71 19.74
N PRO C 22 -9.58 -23.93 20.99
CA PRO C 22 -10.30 -23.31 22.11
C PRO C 22 -10.10 -21.80 22.13
N SER C 23 -11.15 -21.08 22.50
CA SER C 23 -11.09 -19.64 22.57
C SER C 23 -10.59 -19.19 23.92
N ALA C 24 -9.56 -18.35 23.96
CA ALA C 24 -8.98 -17.91 25.24
C ALA C 24 -9.93 -16.94 25.92
N MET C 25 -10.74 -16.24 25.13
CA MET C 25 -11.65 -15.23 25.70
C MET C 25 -13.07 -15.56 25.26
N PRO C 26 -13.70 -16.63 25.77
CA PRO C 26 -15.09 -16.90 25.44
C PRO C 26 -15.85 -15.80 26.18
N GLN C 27 -17.10 -15.53 25.79
CA GLN C 27 -17.95 -14.54 26.52
C GLN C 27 -17.34 -13.13 26.44
N PHE C 28 -16.49 -12.84 25.45
CA PHE C 28 -15.96 -11.47 25.28
C PHE C 28 -16.97 -10.57 24.56
N ASP C 29 -17.57 -11.03 23.45
CA ASP C 29 -18.51 -10.22 22.63
C ASP C 29 -17.73 -9.17 21.84
N VAL C 30 -17.55 -9.39 20.54
CA VAL C 30 -16.68 -8.48 19.72
C VAL C 30 -17.44 -7.26 19.21
N THR C 31 -16.72 -6.18 18.93
CA THR C 31 -17.35 -4.98 18.34
C THR C 31 -17.98 -5.38 17.01
N PRO C 32 -19.27 -5.11 16.77
CA PRO C 32 -19.91 -5.44 15.50
C PRO C 32 -19.15 -4.87 14.31
N GLU C 33 -19.18 -5.57 13.18
CA GLU C 33 -18.43 -5.12 11.97
C GLU C 33 -19.20 -3.99 11.27
N MET C 34 -18.49 -2.95 10.83
CA MET C 34 -19.14 -1.82 10.10
C MET C 34 -18.85 -1.94 8.61
N GLN C 35 -19.54 -1.16 7.79
CA GLN C 35 -19.31 -1.18 6.35
C GLN C 35 -18.22 -0.17 6.02
N ILE C 36 -17.00 -0.66 5.83
CA ILE C 36 -15.87 0.16 5.41
C ILE C 36 -15.77 0.11 3.89
N PRO C 37 -15.65 1.25 3.21
CA PRO C 37 -15.48 1.23 1.76
C PRO C 37 -14.17 0.59 1.36
N GLY C 38 -14.17 -0.04 0.19
CA GLY C 38 -12.95 -0.60 -0.37
C GLY C 38 -12.61 -1.98 0.13
N ARG C 39 -13.62 -2.82 0.30
CA ARG C 39 -13.38 -4.20 0.73
C ARG C 39 -12.67 -4.98 -0.36
N VAL C 40 -11.66 -5.74 0.04
CA VAL C 40 -10.87 -6.55 -0.88
C VAL C 40 -11.16 -8.02 -0.61
N ASN C 41 -11.51 -8.75 -1.66
CA ASN C 41 -11.77 -10.18 -1.54
C ASN C 41 -10.70 -11.04 -2.21
N ASN C 42 -9.88 -10.46 -3.08
CA ASN C 42 -8.87 -11.23 -3.79
C ASN C 42 -7.74 -10.29 -4.19
N LEU C 43 -6.51 -10.79 -4.10
CA LEU C 43 -5.35 -10.02 -4.53
C LEU C 43 -5.38 -9.70 -6.02
N MET C 44 -6.16 -10.44 -6.79
CA MET C 44 -6.16 -10.22 -8.22
C MET C 44 -6.88 -8.92 -8.58
N GLU C 45 -7.78 -8.46 -7.71
CA GLU C 45 -8.33 -7.12 -7.84
C GLU C 45 -7.25 -6.06 -7.79
N ILE C 46 -6.25 -6.24 -6.94
CA ILE C 46 -5.07 -5.38 -6.96
C ILE C 46 -4.25 -5.60 -8.23
N ALA C 47 -4.13 -6.86 -8.68
CA ALA C 47 -3.36 -7.15 -9.88
C ALA C 47 -3.94 -6.53 -11.14
N GLU C 48 -5.25 -6.28 -11.19
CA GLU C 48 -5.88 -5.72 -12.38
C GLU C 48 -5.90 -4.20 -12.40
N VAL C 49 -5.23 -3.54 -11.48
CA VAL C 49 -5.17 -2.08 -11.46
C VAL C 49 -3.94 -1.63 -12.23
N ASP C 50 -4.15 -0.71 -13.17
CA ASP C 50 -3.06 -0.17 -13.97
C ASP C 50 -2.07 0.57 -13.08
N SER C 51 -0.79 0.39 -13.37
CA SER C 51 0.28 1.09 -12.66
C SER C 51 1.35 1.50 -13.65
N VAL C 52 2.11 2.53 -13.29
CA VAL C 52 3.08 3.12 -14.20
C VAL C 52 4.32 2.24 -14.25
N VAL C 53 4.79 1.95 -15.46
CA VAL C 53 5.90 1.03 -15.69
C VAL C 53 7.18 1.85 -15.78
N PRO C 54 8.19 1.57 -14.95
CA PRO C 54 9.47 2.26 -15.09
C PRO C 54 10.28 1.74 -16.27
N VAL C 55 9.89 2.13 -17.48
CA VAL C 55 10.57 1.64 -18.68
C VAL C 55 12.01 2.13 -18.73
N ASN C 56 12.24 3.38 -18.37
CA ASN C 56 13.57 3.98 -18.41
C ASN C 56 14.33 3.70 -17.11
N ASN C 57 14.82 2.47 -16.98
CA ASN C 57 15.53 2.08 -15.76
C ASN C 57 16.77 2.93 -15.54
N THR C 58 17.78 2.75 -16.40
CA THR C 58 18.82 3.75 -16.63
C THR C 58 19.31 4.34 -15.31
N GLU C 59 20.12 3.58 -14.55
CA GLU C 59 20.31 3.77 -13.12
C GLU C 59 20.42 5.22 -12.67
N ALA C 60 20.74 6.13 -13.60
CA ALA C 60 20.73 7.56 -13.24
C ALA C 60 19.28 8.02 -13.11
N ASN C 61 18.32 7.16 -13.46
CA ASN C 61 16.92 7.56 -13.42
C ASN C 61 16.07 6.83 -12.39
N VAL C 62 16.57 5.73 -11.81
CA VAL C 62 15.72 4.95 -10.90
C VAL C 62 15.40 5.70 -9.62
N ASN C 63 16.20 6.74 -9.35
CA ASN C 63 16.00 7.57 -8.14
C ASN C 63 15.36 8.89 -8.55
N SER C 64 14.36 8.84 -9.45
CA SER C 64 13.67 10.04 -9.91
C SER C 64 12.39 9.60 -10.59
N LEU C 65 11.60 10.58 -11.02
CA LEU C 65 10.41 10.31 -11.83
C LEU C 65 10.75 10.09 -13.30
N LYS C 66 12.02 10.28 -13.69
CA LYS C 66 12.42 10.02 -15.06
C LYS C 66 12.41 8.53 -15.39
N ALA C 67 12.34 7.66 -14.38
CA ALA C 67 12.28 6.23 -14.64
C ALA C 67 11.03 5.86 -15.43
N TYR C 68 9.94 6.61 -15.25
CA TYR C 68 8.70 6.34 -15.94
C TYR C 68 8.57 7.09 -17.26
N GLN C 69 9.49 7.98 -17.58
CA GLN C 69 9.38 8.84 -18.75
C GLN C 69 10.17 8.21 -19.91
N ILE C 70 9.48 7.96 -21.02
CA ILE C 70 10.11 7.45 -22.23
C ILE C 70 10.36 8.64 -23.16
N PRO C 71 11.61 9.03 -23.38
CA PRO C 71 11.87 10.22 -24.19
C PRO C 71 11.50 10.02 -25.65
N VAL C 72 10.91 11.05 -26.24
CA VAL C 72 10.59 11.10 -27.66
C VAL C 72 10.96 12.47 -28.18
N GLN C 73 11.70 12.51 -29.29
CA GLN C 73 12.14 13.76 -29.85
C GLN C 73 12.27 13.62 -31.37
N SER C 74 12.40 14.76 -32.05
CA SER C 74 12.54 14.77 -33.50
C SER C 74 13.98 14.40 -33.86
N ASN C 75 14.14 13.27 -34.54
CA ASN C 75 15.44 12.79 -34.96
C ASN C 75 15.60 12.99 -36.46
N SER C 76 16.85 13.24 -36.88
CA SER C 76 17.11 13.49 -38.30
C SER C 76 16.78 12.28 -39.15
N ASP C 77 17.32 11.12 -38.78
CA ASP C 77 17.02 9.89 -39.49
C ASP C 77 15.91 9.12 -38.77
N ASN C 78 15.11 8.40 -39.56
CA ASN C 78 13.91 7.74 -39.07
C ASN C 78 14.18 6.26 -38.84
N GLY C 79 13.22 5.61 -38.19
CA GLY C 79 13.28 4.18 -37.97
C GLY C 79 14.05 3.73 -36.76
N LYS C 80 14.44 4.65 -35.87
CA LYS C 80 15.09 4.24 -34.63
C LYS C 80 14.10 3.59 -33.68
N GLN C 81 14.62 2.78 -32.78
CA GLN C 81 13.82 2.18 -31.72
C GLN C 81 13.59 3.18 -30.61
N VAL C 82 12.33 3.34 -30.18
CA VAL C 82 12.04 4.21 -29.07
C VAL C 82 12.37 3.52 -27.74
N PHE C 83 11.89 2.29 -27.58
CA PHE C 83 12.16 1.51 -26.37
C PHE C 83 11.89 0.04 -26.66
N GLY C 84 12.20 -0.79 -25.68
CA GLY C 84 11.94 -2.20 -25.77
C GLY C 84 12.32 -2.94 -24.50
N PHE C 85 11.51 -3.90 -24.07
CA PHE C 85 11.79 -4.67 -22.88
C PHE C 85 11.16 -6.04 -23.00
N PRO C 86 11.74 -7.06 -22.38
CA PRO C 86 11.12 -8.39 -22.41
C PRO C 86 9.82 -8.41 -21.63
N LEU C 87 8.91 -9.29 -22.05
CA LEU C 87 7.61 -9.45 -21.41
C LEU C 87 7.68 -10.53 -20.32
N GLN C 88 8.49 -10.25 -19.30
CA GLN C 88 8.63 -11.14 -18.15
C GLN C 88 8.11 -10.42 -16.91
N PRO C 89 6.85 -10.61 -16.57
CA PRO C 89 6.24 -9.93 -15.40
C PRO C 89 6.55 -10.64 -14.09
N GLY C 90 7.69 -10.28 -13.50
CA GLY C 90 8.06 -10.85 -12.23
C GLY C 90 9.54 -11.13 -12.09
N ALA C 91 10.28 -11.05 -13.19
CA ALA C 91 11.70 -11.31 -13.17
C ALA C 91 12.56 -10.24 -13.82
N ASN C 92 12.08 -9.55 -14.85
CA ASN C 92 12.95 -8.71 -15.66
C ASN C 92 13.55 -7.55 -14.88
N GLY C 93 12.73 -6.53 -14.64
CA GLY C 93 13.18 -5.33 -13.90
C GLY C 93 12.24 -4.18 -14.13
N VAL C 94 11.69 -4.07 -15.34
CA VAL C 94 10.76 -3.00 -15.70
C VAL C 94 9.37 -3.29 -15.16
N LEU C 95 8.95 -4.55 -15.18
CA LEU C 95 7.64 -4.94 -14.65
C LEU C 95 7.74 -5.61 -13.30
N ASN C 96 8.91 -5.59 -12.66
CA ASN C 96 9.10 -6.32 -11.41
C ASN C 96 8.34 -5.67 -10.26
N ARG C 97 8.47 -4.36 -10.10
CA ARG C 97 7.96 -3.67 -8.93
C ARG C 97 6.64 -2.96 -9.17
N THR C 98 6.00 -3.21 -10.30
CA THR C 98 4.67 -2.68 -10.54
C THR C 98 3.64 -3.45 -9.73
N LEU C 99 2.41 -2.93 -9.68
CA LEU C 99 1.35 -3.56 -8.91
C LEU C 99 1.15 -5.00 -9.34
N LEU C 100 1.16 -5.25 -10.65
CA LEU C 100 1.08 -6.61 -11.16
C LEU C 100 2.29 -7.44 -10.73
N GLY C 101 3.49 -6.85 -10.85
CA GLY C 101 4.69 -7.59 -10.55
C GLY C 101 4.80 -7.96 -9.09
N GLU C 102 4.40 -7.05 -8.19
CA GLU C 102 4.49 -7.33 -6.77
C GLU C 102 3.59 -8.50 -6.37
N ILE C 103 2.37 -8.54 -6.92
CA ILE C 103 1.47 -9.66 -6.63
C ILE C 103 2.03 -10.96 -7.19
N LEU C 104 2.58 -10.91 -8.40
CA LEU C 104 3.11 -12.11 -9.02
C LEU C 104 4.28 -12.67 -8.24
N ASN C 105 5.13 -11.80 -7.69
CA ASN C 105 6.30 -12.25 -6.96
C ASN C 105 5.96 -12.86 -5.60
N TYR C 106 4.68 -12.96 -5.27
CA TYR C 106 4.23 -13.69 -4.09
C TYR C 106 3.86 -15.13 -4.41
N TYR C 107 3.99 -15.55 -5.66
CA TYR C 107 3.58 -16.87 -6.10
C TYR C 107 4.64 -17.44 -7.04
N THR C 108 4.59 -18.76 -7.24
CA THR C 108 5.53 -19.44 -8.12
C THR C 108 4.99 -19.69 -9.52
N HIS C 109 3.70 -19.96 -9.66
CA HIS C 109 3.07 -20.18 -10.96
C HIS C 109 2.05 -19.10 -11.22
N TRP C 110 1.92 -18.70 -12.48
CA TRP C 110 0.95 -17.68 -12.86
C TRP C 110 0.48 -17.94 -14.28
N SER C 111 -0.69 -17.38 -14.60
CA SER C 111 -1.30 -17.55 -15.91
C SER C 111 -2.07 -16.30 -16.27
N GLY C 112 -2.24 -16.07 -17.57
CA GLY C 112 -3.04 -14.95 -18.04
C GLY C 112 -2.36 -14.05 -19.03
N SER C 113 -2.96 -12.90 -19.32
CA SER C 113 -2.47 -11.99 -20.33
C SER C 113 -2.11 -10.64 -19.71
N ILE C 114 -1.23 -9.91 -20.40
CA ILE C 114 -0.72 -8.64 -19.93
C ILE C 114 -1.35 -7.54 -20.76
N LYS C 115 -1.92 -6.53 -20.10
CA LYS C 115 -2.49 -5.37 -20.77
C LYS C 115 -1.50 -4.21 -20.66
N LEU C 116 -1.01 -3.74 -21.79
CA LEU C 116 -0.09 -2.61 -21.83
C LEU C 116 -0.79 -1.39 -22.42
N THR C 117 -0.67 -0.26 -21.75
CA THR C 117 -1.25 1.00 -22.19
C THR C 117 -0.16 2.03 -22.30
N PHE C 118 -0.12 2.73 -23.43
CA PHE C 118 0.86 3.78 -23.68
C PHE C 118 0.13 5.10 -23.87
N MET C 119 0.57 6.12 -23.13
CA MET C 119 -0.05 7.44 -23.18
C MET C 119 0.97 8.44 -23.69
N PHE C 120 0.62 9.17 -24.74
CA PHE C 120 1.48 10.23 -25.26
C PHE C 120 1.22 11.51 -24.48
N CYS C 121 2.29 12.10 -23.94
CA CYS C 121 2.20 13.25 -23.07
C CYS C 121 2.92 14.45 -23.66
N GLY C 122 2.88 14.58 -24.98
CA GLY C 122 3.39 15.76 -25.66
C GLY C 122 2.33 16.82 -25.81
N SER C 123 2.66 17.86 -26.56
CA SER C 123 1.72 18.95 -26.78
C SER C 123 0.58 18.49 -27.68
N ALA C 124 -0.55 19.19 -27.58
CA ALA C 124 -1.70 18.88 -28.41
C ALA C 124 -1.47 19.19 -29.88
N MET C 125 -0.44 19.98 -30.21
CA MET C 125 -0.14 20.31 -31.58
C MET C 125 0.92 19.40 -32.21
N ALA C 126 1.49 18.48 -31.44
CA ALA C 126 2.48 17.55 -31.97
C ALA C 126 1.79 16.40 -32.69
N THR C 127 2.35 16.00 -33.82
CA THR C 127 1.82 14.89 -34.60
C THR C 127 2.95 13.96 -35.00
N GLY C 128 2.62 12.68 -35.14
CA GLY C 128 3.60 11.69 -35.53
C GLY C 128 2.99 10.31 -35.49
N LYS C 129 3.78 9.34 -35.93
CA LYS C 129 3.35 7.95 -35.98
C LYS C 129 4.38 7.06 -35.31
N PHE C 130 3.91 6.11 -34.52
CA PHE C 130 4.75 5.15 -33.84
C PHE C 130 4.31 3.74 -34.18
N LEU C 131 5.28 2.84 -34.31
CA LEU C 131 5.01 1.43 -34.60
C LEU C 131 5.27 0.63 -33.34
N LEU C 132 4.21 0.09 -32.74
CA LEU C 132 4.33 -0.74 -31.56
C LEU C 132 4.24 -2.21 -31.97
N ALA C 133 5.34 -2.94 -31.80
CA ALA C 133 5.47 -4.30 -32.29
C ALA C 133 5.58 -5.27 -31.15
N TYR C 134 4.90 -6.41 -31.27
CA TYR C 134 4.95 -7.49 -30.29
C TYR C 134 5.65 -8.69 -30.92
N SER C 135 6.71 -9.16 -30.28
CA SER C 135 7.43 -10.33 -30.74
C SER C 135 7.02 -11.53 -29.89
N PRO C 136 6.45 -12.57 -30.47
CA PRO C 136 6.08 -13.75 -29.67
C PRO C 136 7.32 -14.44 -29.12
N PRO C 137 7.17 -15.25 -28.07
CA PRO C 137 8.32 -15.97 -27.54
C PRO C 137 8.95 -16.87 -28.59
N GLY C 138 10.27 -16.99 -28.54
CA GLY C 138 11.00 -17.73 -29.54
C GLY C 138 11.51 -16.86 -30.66
N ALA C 139 10.63 -16.06 -31.25
CA ALA C 139 11.05 -15.11 -32.28
C ALA C 139 11.93 -14.03 -31.67
N GLY C 140 12.97 -13.64 -32.41
CA GLY C 140 13.88 -12.63 -31.93
C GLY C 140 13.28 -11.24 -32.00
N VAL C 141 13.96 -10.30 -31.37
CA VAL C 141 13.50 -8.91 -31.38
C VAL C 141 13.70 -8.33 -32.78
N PRO C 142 12.82 -7.46 -33.27
CA PRO C 142 13.05 -6.83 -34.57
C PRO C 142 14.27 -5.92 -34.51
N LYS C 143 14.98 -5.84 -35.64
CA LYS C 143 16.11 -4.95 -35.77
C LYS C 143 15.83 -3.70 -36.59
N ASN C 144 14.69 -3.65 -37.27
CA ASN C 144 14.34 -2.51 -38.10
C ASN C 144 12.84 -2.27 -38.05
N ARG C 145 12.45 -1.07 -38.47
CA ARG C 145 11.03 -0.76 -38.60
C ARG C 145 10.35 -1.73 -39.56
N LYS C 146 11.04 -2.10 -40.64
CA LYS C 146 10.46 -3.03 -41.61
C LYS C 146 10.19 -4.39 -40.97
N ASP C 147 11.18 -4.93 -40.26
CA ASP C 147 10.99 -6.23 -39.60
C ASP C 147 9.89 -6.15 -38.56
N ALA C 148 9.83 -5.05 -37.81
CA ALA C 148 8.75 -4.88 -36.84
C ALA C 148 7.39 -4.86 -37.53
N MET C 149 7.31 -4.16 -38.67
CA MET C 149 6.04 -4.05 -39.39
C MET C 149 5.60 -5.41 -39.95
N LEU C 150 6.56 -6.20 -40.42
CA LEU C 150 6.22 -7.50 -40.98
C LEU C 150 5.66 -8.46 -39.94
N GLY C 151 5.92 -8.23 -38.66
CA GLY C 151 5.35 -9.02 -37.59
C GLY C 151 4.06 -8.40 -37.06
N THR C 152 3.65 -8.90 -35.90
CA THR C 152 2.47 -8.34 -35.23
C THR C 152 2.78 -6.93 -34.74
N HIS C 153 1.95 -5.97 -35.11
CA HIS C 153 2.23 -4.58 -34.82
C HIS C 153 0.96 -3.76 -34.89
N VAL C 154 1.05 -2.55 -34.34
CA VAL C 154 -0.02 -1.55 -34.43
C VAL C 154 0.61 -0.21 -34.75
N ILE C 155 0.08 0.48 -35.74
CA ILE C 155 0.55 1.83 -36.07
C ILE C 155 -0.20 2.82 -35.19
N TRP C 156 0.54 3.57 -34.38
CA TRP C 156 -0.03 4.49 -33.41
C TRP C 156 0.18 5.92 -33.89
N ASP C 157 -0.92 6.63 -34.15
CA ASP C 157 -0.87 8.02 -34.57
C ASP C 157 -1.21 8.91 -33.38
N VAL C 158 -0.21 9.63 -32.87
CA VAL C 158 -0.43 10.47 -31.70
C VAL C 158 -1.28 11.68 -32.07
N GLY C 159 -1.29 12.06 -33.35
CA GLY C 159 -2.13 13.16 -33.78
C GLY C 159 -3.62 12.86 -33.71
N LEU C 160 -3.98 11.58 -33.70
CA LEU C 160 -5.38 11.16 -33.63
C LEU C 160 -5.77 10.61 -32.26
N GLN C 161 -4.87 9.87 -31.61
CA GLN C 161 -5.14 9.23 -30.33
C GLN C 161 -4.00 9.51 -29.38
N SER C 162 -4.34 9.77 -28.12
CA SER C 162 -3.33 9.99 -27.10
C SER C 162 -2.93 8.71 -26.37
N SER C 163 -3.73 7.64 -26.47
CA SER C 163 -3.45 6.40 -25.76
C SER C 163 -3.69 5.21 -26.68
N CYS C 164 -2.89 4.17 -26.49
CA CYS C 164 -3.04 2.91 -27.22
C CYS C 164 -2.93 1.77 -26.22
N VAL C 165 -3.83 0.79 -26.34
CA VAL C 165 -3.92 -0.33 -25.40
C VAL C 165 -3.66 -1.62 -26.16
N LEU C 166 -2.71 -2.41 -25.67
CA LEU C 166 -2.39 -3.71 -26.25
C LEU C 166 -2.57 -4.78 -25.19
N CYS C 167 -3.20 -5.90 -25.57
CA CYS C 167 -3.36 -7.03 -24.63
C CYS C 167 -2.51 -8.19 -25.15
N VAL C 168 -1.27 -8.31 -24.67
CA VAL C 168 -0.36 -9.38 -25.18
C VAL C 168 -0.96 -10.74 -24.83
N PRO C 169 -0.89 -11.74 -25.74
CA PRO C 169 -1.52 -13.04 -25.49
C PRO C 169 -0.73 -13.96 -24.54
N TRP C 170 -1.42 -14.93 -23.92
CA TRP C 170 -0.77 -15.86 -22.96
C TRP C 170 0.34 -16.64 -23.65
N ILE C 171 -0.01 -17.57 -24.54
CA ILE C 171 1.01 -18.37 -25.33
C ILE C 171 2.02 -19.03 -24.38
N SER C 172 1.70 -20.21 -23.85
CA SER C 172 2.66 -20.94 -23.00
C SER C 172 2.67 -22.42 -23.38
N GLN C 173 3.66 -23.17 -22.91
CA GLN C 173 3.89 -24.57 -23.36
C GLN C 173 2.73 -25.44 -22.91
N THR C 174 1.52 -25.17 -23.39
CA THR C 174 0.32 -25.92 -22.95
C THR C 174 0.49 -26.24 -21.46
N HIS C 175 0.90 -25.24 -20.67
CA HIS C 175 1.16 -25.51 -19.22
C HIS C 175 0.05 -24.86 -18.40
N TYR C 176 -0.81 -24.06 -19.04
CA TYR C 176 -1.86 -23.31 -18.31
C TYR C 176 -1.19 -22.35 -17.31
N ARG C 177 -0.45 -22.85 -16.33
CA ARG C 177 0.29 -21.97 -15.39
C ARG C 177 1.78 -22.02 -15.76
N TYR C 178 2.50 -20.91 -15.66
CA TYR C 178 3.96 -21.02 -15.94
C TYR C 178 4.72 -20.35 -14.79
N VAL C 179 6.01 -20.61 -14.66
CA VAL C 179 6.77 -20.12 -13.47
C VAL C 179 6.85 -18.59 -13.49
N VAL C 180 6.67 -17.95 -12.33
CA VAL C 180 6.79 -16.47 -12.23
C VAL C 180 8.24 -16.11 -12.55
N GLU C 181 9.18 -16.82 -11.96
CA GLU C 181 10.62 -16.61 -12.25
C GLU C 181 10.95 -17.49 -13.46
N ASP C 182 12.10 -17.28 -14.11
CA ASP C 182 12.37 -18.07 -15.34
C ASP C 182 13.89 -18.22 -15.51
N GLU C 183 14.31 -19.04 -16.48
CA GLU C 183 15.76 -19.29 -16.71
C GLU C 183 16.05 -19.34 -18.20
N TYR C 184 16.73 -18.32 -18.73
CA TYR C 184 17.09 -18.31 -20.17
C TYR C 184 16.00 -18.98 -20.99
N THR C 185 14.76 -18.49 -20.88
CA THR C 185 13.62 -19.09 -21.62
C THR C 185 13.08 -18.10 -22.65
N ALA C 186 12.43 -18.60 -23.71
CA ALA C 186 11.79 -17.71 -24.69
C ALA C 186 10.99 -16.67 -23.91
N ALA C 187 11.23 -15.39 -24.15
CA ALA C 187 10.57 -14.36 -23.30
C ALA C 187 9.43 -13.64 -24.01
N GLY C 188 9.62 -13.23 -25.26
CA GLY C 188 8.64 -12.37 -25.89
C GLY C 188 8.91 -10.91 -25.57
N TYR C 189 8.91 -10.05 -26.59
CA TYR C 189 9.30 -8.66 -26.42
C TYR C 189 8.23 -7.74 -26.98
N ILE C 190 8.24 -6.52 -26.47
CA ILE C 190 7.46 -5.40 -27.03
C ILE C 190 8.46 -4.29 -27.34
N THR C 191 8.30 -3.68 -28.50
CA THR C 191 9.22 -2.63 -28.92
C THR C 191 8.45 -1.56 -29.68
N CYS C 192 9.04 -0.36 -29.74
CA CYS C 192 8.43 0.79 -30.37
C CYS C 192 9.43 1.43 -31.32
N TRP C 193 8.94 1.90 -32.47
CA TRP C 193 9.79 2.47 -33.51
C TRP C 193 9.18 3.75 -34.05
N TYR C 194 10.03 4.63 -34.56
CA TYR C 194 9.61 5.87 -35.20
C TYR C 194 9.12 5.54 -36.60
N GLN C 195 7.81 5.49 -36.79
CA GLN C 195 7.28 5.39 -38.15
C GLN C 195 7.52 6.69 -38.91
N THR C 196 7.22 7.82 -38.28
CA THR C 196 7.55 9.13 -38.80
C THR C 196 8.22 9.94 -37.70
N ASN C 197 8.81 11.08 -38.09
CA ASN C 197 9.31 12.01 -37.10
C ASN C 197 8.14 12.74 -36.44
N ILE C 198 8.44 13.39 -35.33
CA ILE C 198 7.45 14.21 -34.63
C ILE C 198 7.35 15.55 -35.33
N VAL C 199 6.19 15.85 -35.88
CA VAL C 199 5.95 17.11 -36.56
C VAL C 199 5.38 18.10 -35.55
N VAL C 200 5.96 19.29 -35.51
CA VAL C 200 5.59 20.26 -34.49
C VAL C 200 5.48 21.64 -35.13
N PRO C 201 4.56 22.49 -34.69
CA PRO C 201 4.51 23.86 -35.19
C PRO C 201 5.59 24.72 -34.54
N ALA C 202 5.63 25.99 -34.97
CA ALA C 202 6.52 26.94 -34.33
C ALA C 202 6.10 27.16 -32.89
N ASP C 203 7.08 27.45 -32.03
CA ASP C 203 6.89 27.73 -30.62
C ASP C 203 6.26 26.56 -29.86
N VAL C 204 6.50 25.33 -30.31
CA VAL C 204 6.07 24.12 -29.61
C VAL C 204 7.27 23.20 -29.47
N GLN C 205 7.45 22.64 -28.28
CA GLN C 205 8.60 21.79 -28.01
C GLN C 205 8.46 20.45 -28.70
N SER C 206 9.51 20.05 -29.44
CA SER C 206 9.48 18.77 -30.15
C SER C 206 9.73 17.60 -29.21
N SER C 207 10.50 17.80 -28.15
CA SER C 207 10.81 16.71 -27.23
C SER C 207 9.62 16.45 -26.32
N CYS C 208 9.13 15.20 -26.33
CA CYS C 208 7.98 14.83 -25.53
C CYS C 208 8.28 13.60 -24.68
N ASP C 209 7.27 13.05 -24.02
CA ASP C 209 7.46 11.87 -23.19
C ASP C 209 6.26 10.96 -23.32
N ILE C 210 6.49 9.67 -23.13
CA ILE C 210 5.45 8.65 -23.17
C ILE C 210 5.42 7.92 -21.84
N LEU C 211 4.22 7.62 -21.38
CA LEU C 211 4.02 6.86 -20.14
C LEU C 211 3.46 5.49 -20.48
N CYS C 212 3.96 4.46 -19.82
CA CYS C 212 3.51 3.09 -20.03
C CYS C 212 2.82 2.57 -18.78
N PHE C 213 1.70 1.88 -18.96
CA PHE C 213 0.93 1.30 -17.87
C PHE C 213 0.75 -0.18 -18.12
N VAL C 214 0.75 -0.97 -17.04
CA VAL C 214 0.60 -2.41 -17.14
C VAL C 214 -0.49 -2.87 -16.18
N SER C 215 -1.13 -3.98 -16.52
CA SER C 215 -2.18 -4.58 -15.71
C SER C 215 -2.55 -5.93 -16.31
N ALA C 216 -3.18 -6.77 -15.50
CA ALA C 216 -3.66 -8.06 -15.99
C ALA C 216 -4.98 -7.88 -16.73
N CYS C 217 -5.06 -8.44 -17.94
CA CYS C 217 -6.24 -8.21 -18.77
C CYS C 217 -7.21 -9.38 -18.76
N ASN C 218 -6.75 -10.56 -19.21
CA ASN C 218 -7.60 -11.73 -19.30
C ASN C 218 -7.61 -12.51 -17.99
N ASP C 219 -8.08 -13.75 -18.03
CA ASP C 219 -8.28 -14.51 -16.80
C ASP C 219 -6.94 -14.83 -16.16
N PHE C 220 -6.48 -13.92 -15.31
CA PHE C 220 -5.21 -14.05 -14.62
C PHE C 220 -5.39 -14.90 -13.37
N SER C 221 -4.38 -15.71 -13.06
CA SER C 221 -4.43 -16.55 -11.86
C SER C 221 -3.01 -16.81 -11.37
N VAL C 222 -2.90 -17.14 -10.09
CA VAL C 222 -1.61 -17.44 -9.46
C VAL C 222 -1.74 -18.72 -8.66
N ARG C 223 -0.60 -19.28 -8.28
CA ARG C 223 -0.58 -20.55 -7.57
C ARG C 223 0.67 -20.64 -6.70
N MET C 224 0.57 -21.45 -5.64
CA MET C 224 1.71 -21.77 -4.77
C MET C 224 2.32 -20.53 -4.13
N LEU C 225 1.59 -19.90 -3.22
CA LEU C 225 2.10 -18.76 -2.47
C LEU C 225 3.49 -19.04 -1.91
N LYS C 226 4.33 -18.01 -1.90
CA LYS C 226 5.71 -18.11 -1.45
C LYS C 226 6.10 -16.81 -0.75
N ASP C 227 7.37 -16.72 -0.37
CA ASP C 227 7.90 -15.49 0.20
C ASP C 227 8.35 -14.55 -0.92
N THR C 228 8.04 -13.27 -0.78
CA THR C 228 8.49 -12.30 -1.77
C THR C 228 10.00 -12.12 -1.66
N PRO C 229 10.70 -12.00 -2.80
CA PRO C 229 12.14 -11.81 -2.77
C PRO C 229 12.61 -10.40 -2.48
N PHE C 230 11.69 -9.44 -2.34
CA PHE C 230 12.04 -8.04 -2.18
C PHE C 230 12.33 -7.65 -0.75
N ILE C 231 11.79 -8.40 0.21
CA ILE C 231 12.14 -8.18 1.62
C ILE C 231 13.49 -8.82 1.90
N ARG C 232 14.30 -8.17 2.74
CA ARG C 232 15.63 -8.63 3.14
C ARG C 232 15.81 -10.14 3.17
#